data_8FAH
#
_entry.id   8FAH
#
_cell.length_a   151.176
_cell.length_b   151.176
_cell.length_c   192.928
_cell.angle_alpha   90.00
_cell.angle_beta   90.00
_cell.angle_gamma   90.00
#
_symmetry.space_group_name_H-M   'P 41 2 2'
#
loop_
_entity.id
_entity.type
_entity.pdbx_description
1 polymer 'CR3022 Fab heavy chain'
2 polymer 'CR3022 Fab light chain'
3 polymer 'Spike protein S1'
4 branched 2-acetamido-2-deoxy-beta-D-glucopyranose-(1-4)-2-acetamido-2-deoxy-beta-D-glucopyranose
#
loop_
_entity_poly.entity_id
_entity_poly.type
_entity_poly.pdbx_seq_one_letter_code
_entity_poly.pdbx_strand_id
1 'polypeptide(L)'
;EVQLVQSGTEVKKPGESLKISCKGSGYGFITYWIGWVRQMPGKGLEWMGIIYPGDSETRYSPSFQGQVTISADKSINTAY
LQWSSLKASDTAIYYCAGGSGISTPMDVWGQGTTVTVSSASTKGPSVFPLAPSSKSTSGGTAALGCLVKDYFPEPVTVSW
NSGALTSGVHTFPAVLQSSGLYSLSSVVTVPSSSLGTQTYICNVNHKPSNTKVDKKVEPKSCDK
;
H
2 'polypeptide(L)'
;DIVMTQSPDSLAVSLGERATINCKSSQSVLYSSINKNYLAWYQQKPGQPPKLLIYWASTRESGVPDRFSGSGSGTDFTLT
ISSLQAEDVAVYYCQQYYSTPYTFGQGTKVEIKRTVAAPSVFIFPPSDEQLKSGTASVVCLLNNFYPREAKVQWKVDNAL
QSGNSQESVTEQDSKDSTYSLSSTLTLSKADYEKHKVYACEVTHQGLSSPVTKSFNRGEC
;
L
3 'polypeptide(L)'
;NITNLCPFGEVFNATRFASVYAWNRKRISNCVADYSVLYNSASFSTFKCYGVSPTKLNDLCFTNVYADSFVIRGDEVRQI
APGQTGKIADYNYKLPDDFTGCVIAWNSNNLDSKVGGNYNYLYRLFRKSNLKPFERDISTEIYQAGSTPCNGVEGFNCYF
PLQSYGFQPTNGVGYQPYRVVVLSFELLHAPATVCGPGSHHHHHH
;
A
#
loop_
_chem_comp.id
_chem_comp.type
_chem_comp.name
_chem_comp.formula
NAG D-saccharide, beta linking 2-acetamido-2-deoxy-beta-D-glucopyranose 'C8 H15 N O6'
#
# COMPACT_ATOMS: atom_id res chain seq x y z
N GLU A 1 -7.92 -1.36 18.07
CA GLU A 1 -8.08 -0.55 16.86
C GLU A 1 -8.47 -1.42 15.66
N VAL A 2 -8.27 -0.88 14.46
CA VAL A 2 -8.57 -1.60 13.23
C VAL A 2 -7.27 -2.11 12.63
N GLN A 3 -7.19 -3.42 12.43
CA GLN A 3 -6.00 -4.09 11.91
C GLN A 3 -6.39 -4.99 10.75
N LEU A 4 -5.39 -5.33 9.94
CA LEU A 4 -5.56 -6.21 8.79
C LEU A 4 -4.47 -7.28 8.79
N VAL A 5 -4.82 -8.47 8.33
CA VAL A 5 -3.87 -9.58 8.19
C VAL A 5 -4.03 -10.18 6.80
N GLN A 6 -2.96 -10.80 6.31
CA GLN A 6 -2.96 -11.42 5.00
C GLN A 6 -2.39 -12.82 5.10
N SER A 7 -2.57 -13.59 4.03
CA SER A 7 -2.11 -14.99 4.00
C SER A 7 -1.95 -15.40 2.53
N GLY A 8 -1.76 -16.70 2.31
CA GLY A 8 -1.70 -17.26 0.98
C GLY A 8 -0.34 -17.22 0.31
N THR A 9 0.70 -16.76 1.00
CA THR A 9 2.03 -16.69 0.42
C THR A 9 2.51 -18.08 0.00
N GLU A 10 2.91 -18.21 -1.27
CA GLU A 10 3.22 -19.53 -1.78
C GLU A 10 4.11 -19.45 -3.02
N VAL A 11 4.77 -20.58 -3.30
CA VAL A 11 5.44 -20.84 -4.57
C VAL A 11 4.47 -21.55 -5.49
N LYS A 12 4.38 -21.08 -6.72
CA LYS A 12 3.52 -21.69 -7.74
C LYS A 12 4.19 -21.64 -9.09
N LYS A 13 3.70 -22.40 -9.96
CA LYS A 13 4.14 -22.39 -11.33
C LYS A 13 3.15 -21.63 -12.21
N PRO A 14 3.58 -21.06 -13.34
CA PRO A 14 2.71 -20.14 -14.08
C PRO A 14 1.46 -20.83 -14.62
N GLY A 15 0.47 -20.00 -14.94
CA GLY A 15 -0.82 -20.47 -15.42
C GLY A 15 -1.72 -21.05 -14.35
N GLU A 16 -1.30 -21.04 -13.09
CA GLU A 16 -2.06 -21.63 -12.00
C GLU A 16 -2.83 -20.53 -11.27
N SER A 17 -3.96 -20.93 -10.67
CA SER A 17 -4.88 -20.00 -10.03
C SER A 17 -4.70 -20.04 -8.52
N LEU A 18 -4.58 -18.87 -7.91
CA LEU A 18 -4.40 -18.78 -6.46
C LEU A 18 -5.35 -17.73 -5.88
N LYS A 19 -5.73 -17.94 -4.63
CA LYS A 19 -6.56 -17.02 -3.86
C LYS A 19 -5.80 -16.59 -2.61
N ILE A 20 -5.79 -15.28 -2.35
CA ILE A 20 -5.26 -14.73 -1.12
C ILE A 20 -6.37 -13.99 -0.39
N SER A 21 -6.12 -13.63 0.86
CA SER A 21 -7.13 -12.98 1.68
C SER A 21 -6.51 -11.81 2.45
N CYS A 22 -7.31 -10.78 2.65
CA CYS A 22 -7.03 -9.69 3.58
C CYS A 22 -8.18 -9.65 4.57
N LYS A 23 -7.94 -10.16 5.78
CA LYS A 23 -8.95 -10.24 6.81
C LYS A 23 -8.76 -9.10 7.80
N GLY A 24 -9.80 -8.30 8.02
CA GLY A 24 -9.67 -7.13 8.86
C GLY A 24 -10.64 -7.09 10.02
N SER A 25 -10.30 -6.29 11.04
CA SER A 25 -11.16 -6.15 12.20
C SER A 25 -11.02 -4.75 12.77
N GLY A 26 -12.12 -4.17 13.20
CA GLY A 26 -12.07 -2.84 13.79
C GLY A 26 -13.40 -2.47 14.40
N TYR A 27 -13.37 -1.39 15.19
CA TYR A 27 -14.61 -0.84 15.72
C TYR A 27 -15.51 -0.40 14.58
N GLY A 28 -15.07 0.57 13.80
CA GLY A 28 -15.72 0.88 12.55
C GLY A 28 -14.96 0.28 11.39
N PHE A 29 -15.45 -0.86 10.91
CA PHE A 29 -14.85 -1.53 9.76
C PHE A 29 -15.62 -1.25 8.47
N ILE A 30 -16.87 -0.81 8.60
CA ILE A 30 -17.69 -0.51 7.43
C ILE A 30 -17.16 0.72 6.69
N THR A 31 -16.69 1.72 7.46
CA THR A 31 -16.09 2.91 6.84
C THR A 31 -15.01 2.55 5.85
N TYR A 32 -14.13 1.62 6.24
CA TYR A 32 -12.81 1.50 5.63
C TYR A 32 -12.91 0.81 4.27
N TRP A 33 -12.89 1.62 3.22
CA TRP A 33 -12.78 1.11 1.86
C TRP A 33 -11.40 0.46 1.69
N ILE A 34 -11.38 -0.80 1.24
CA ILE A 34 -10.13 -1.54 1.12
C ILE A 34 -9.62 -1.46 -0.30
N GLY A 35 -8.36 -1.07 -0.45
CA GLY A 35 -7.68 -1.08 -1.73
C GLY A 35 -6.45 -1.96 -1.67
N TRP A 36 -6.07 -2.50 -2.82
CA TRP A 36 -4.90 -3.37 -2.95
C TRP A 36 -3.82 -2.68 -3.78
N VAL A 37 -2.57 -2.92 -3.40
CA VAL A 37 -1.43 -2.30 -4.07
C VAL A 37 -0.33 -3.34 -4.21
N ARG A 38 0.42 -3.26 -5.31
CA ARG A 38 1.52 -4.17 -5.58
C ARG A 38 2.85 -3.42 -5.53
N GLN A 39 3.80 -3.98 -4.77
CA GLN A 39 5.20 -3.60 -4.79
C GLN A 39 5.95 -4.75 -5.44
N MET A 40 6.43 -4.53 -6.67
CA MET A 40 7.23 -5.53 -7.35
C MET A 40 8.65 -5.49 -6.80
N PRO A 41 9.53 -6.41 -7.22
CA PRO A 41 10.94 -6.28 -6.82
C PRO A 41 11.52 -4.91 -7.13
N GLY A 42 11.40 -4.44 -8.36
CA GLY A 42 11.76 -3.07 -8.65
C GLY A 42 10.88 -2.09 -7.91
N LYS A 43 11.48 -0.96 -7.53
CA LYS A 43 10.74 0.07 -6.79
C LYS A 43 9.55 0.55 -7.59
N GLY A 44 8.44 0.79 -6.89
CA GLY A 44 7.22 1.28 -7.50
C GLY A 44 5.98 0.70 -6.82
N LEU A 45 5.05 1.59 -6.46
CA LEU A 45 3.79 1.21 -5.83
C LEU A 45 2.68 1.54 -6.81
N GLU A 46 1.85 0.54 -7.12
CA GLU A 46 0.99 0.61 -8.31
C GLU A 46 -0.47 0.92 -8.04
N TRP A 47 -1.01 0.55 -6.86
CA TRP A 47 -2.43 0.76 -6.55
C TRP A 47 -3.30 0.04 -7.59
N MET A 48 -3.23 -1.28 -7.53
CA MET A 48 -3.86 -2.08 -8.59
C MET A 48 -5.38 -1.97 -8.55
N GLY A 49 -5.99 -1.93 -7.36
CA GLY A 49 -7.44 -1.94 -7.29
C GLY A 49 -8.10 -1.28 -6.10
N ILE A 50 -9.42 -1.46 -5.97
CA ILE A 50 -10.19 -0.85 -4.90
C ILE A 50 -11.55 -1.53 -4.85
N ILE A 51 -12.05 -1.75 -3.62
CA ILE A 51 -13.39 -2.25 -3.38
C ILE A 51 -13.88 -1.73 -2.03
N TYR A 52 -15.16 -1.95 -1.74
CA TYR A 52 -15.82 -1.54 -0.50
C TYR A 52 -16.63 -2.70 0.05
N PRO A 53 -16.65 -2.88 1.37
CA PRO A 53 -17.53 -3.91 1.96
C PRO A 53 -19.00 -3.56 1.76
N GLY A 54 -19.74 -4.48 1.17
CA GLY A 54 -21.07 -4.18 0.67
C GLY A 54 -20.97 -3.43 -0.64
N ASP A 55 -22.13 -2.97 -1.11
CA ASP A 55 -22.20 -2.09 -2.28
C ASP A 55 -21.47 -2.71 -3.45
N SER A 56 -20.46 -2.02 -3.98
CA SER A 56 -19.73 -2.52 -5.13
C SER A 56 -18.28 -2.07 -5.06
N GLU A 57 -17.49 -2.58 -6.00
CA GLU A 57 -16.13 -2.10 -6.19
C GLU A 57 -16.13 -0.73 -6.86
N THR A 58 -15.05 0.01 -6.65
CA THR A 58 -14.74 1.16 -7.47
C THR A 58 -13.84 0.70 -8.62
N ARG A 59 -13.87 1.46 -9.71
CA ARG A 59 -13.24 1.02 -10.95
C ARG A 59 -11.78 0.69 -10.75
N TYR A 60 -11.36 -0.45 -11.29
CA TYR A 60 -9.96 -0.85 -11.29
C TYR A 60 -9.18 0.04 -12.24
N SER A 61 -7.94 0.35 -11.88
CA SER A 61 -7.12 1.17 -12.75
C SER A 61 -6.93 0.47 -14.09
N PRO A 62 -6.86 1.23 -15.19
CA PRO A 62 -7.07 0.62 -16.51
C PRO A 62 -6.12 -0.51 -16.86
N SER A 63 -4.87 -0.44 -16.41
CA SER A 63 -3.88 -1.43 -16.84
C SER A 63 -4.16 -2.81 -16.27
N PHE A 64 -4.60 -2.88 -15.00
CA PHE A 64 -4.80 -4.17 -14.35
C PHE A 64 -6.08 -4.88 -14.77
N GLN A 65 -7.09 -4.12 -15.22
CA GLN A 65 -8.34 -4.73 -15.65
C GLN A 65 -8.07 -5.75 -16.75
N GLY A 66 -8.41 -7.00 -16.46
CA GLY A 66 -8.13 -8.12 -17.34
C GLY A 66 -7.60 -9.32 -16.57
N GLN A 67 -6.86 -9.02 -15.49
CA GLN A 67 -6.52 -10.00 -14.48
C GLN A 67 -7.16 -9.63 -13.14
N VAL A 68 -8.35 -9.02 -13.23
CA VAL A 68 -8.97 -8.39 -12.06
C VAL A 68 -9.36 -9.44 -11.04
N THR A 69 -9.15 -9.11 -9.76
CA THR A 69 -9.25 -10.09 -8.69
C THR A 69 -9.55 -9.34 -7.40
N ILE A 70 -10.80 -9.39 -6.95
CA ILE A 70 -11.30 -8.33 -6.07
C ILE A 70 -11.73 -8.73 -4.66
N SER A 71 -12.79 -9.53 -4.51
CA SER A 71 -13.41 -9.69 -3.19
C SER A 71 -14.62 -10.61 -3.30
N ALA A 72 -15.07 -11.10 -2.15
CA ALA A 72 -16.26 -11.93 -2.01
C ALA A 72 -16.52 -12.14 -0.53
N ASP A 73 -17.67 -12.75 -0.23
CA ASP A 73 -18.10 -13.06 1.13
C ASP A 73 -17.85 -11.88 2.07
N LYS A 74 -18.51 -10.77 1.75
CA LYS A 74 -18.27 -9.51 2.44
C LYS A 74 -18.69 -9.55 3.91
N SER A 75 -19.62 -10.43 4.29
CA SER A 75 -20.03 -10.51 5.68
C SER A 75 -18.89 -10.92 6.60
N ILE A 76 -18.21 -12.02 6.26
CA ILE A 76 -16.96 -12.37 6.94
C ILE A 76 -15.89 -11.41 6.45
N ASN A 77 -15.26 -10.70 7.39
CA ASN A 77 -14.41 -9.57 7.01
C ASN A 77 -13.14 -10.05 6.33
N THR A 78 -13.26 -10.53 5.10
CA THR A 78 -12.14 -10.98 4.28
C THR A 78 -12.35 -10.49 2.85
N ALA A 79 -11.26 -10.11 2.20
CA ALA A 79 -11.29 -9.66 0.81
C ALA A 79 -10.48 -10.66 -0.01
N TYR A 80 -11.18 -11.59 -0.67
CA TYR A 80 -10.50 -12.64 -1.42
C TYR A 80 -9.89 -12.09 -2.71
N LEU A 81 -8.89 -12.83 -3.21
CA LEU A 81 -8.21 -12.53 -4.47
C LEU A 81 -8.46 -13.68 -5.44
N GLN A 82 -9.17 -13.40 -6.54
CA GLN A 82 -9.63 -14.44 -7.46
C GLN A 82 -9.12 -14.13 -8.87
N TRP A 83 -8.06 -14.81 -9.30
CA TRP A 83 -7.55 -14.62 -10.65
C TRP A 83 -6.88 -15.92 -11.10
N SER A 84 -6.69 -16.04 -12.42
CA SER A 84 -6.13 -17.25 -13.00
C SER A 84 -5.20 -16.87 -14.14
N SER A 85 -4.40 -17.84 -14.57
CA SER A 85 -3.39 -17.67 -15.61
C SER A 85 -2.47 -16.49 -15.28
N LEU A 86 -1.82 -16.60 -14.12
CA LEU A 86 -0.97 -15.51 -13.65
C LEU A 86 0.31 -15.44 -14.47
N LYS A 87 0.76 -14.21 -14.71
CA LYS A 87 2.00 -13.99 -15.45
C LYS A 87 3.20 -14.28 -14.55
N ALA A 88 4.32 -14.64 -15.19
CA ALA A 88 5.57 -14.81 -14.45
C ALA A 88 6.00 -13.53 -13.76
N SER A 89 5.58 -12.37 -14.30
CA SER A 89 5.90 -11.10 -13.68
C SER A 89 5.02 -10.77 -12.48
N ASP A 90 3.90 -11.50 -12.29
CA ASP A 90 2.99 -11.20 -11.20
C ASP A 90 3.61 -11.46 -9.83
N THR A 91 4.74 -12.15 -9.77
CA THR A 91 5.41 -12.38 -8.49
C THR A 91 5.92 -11.06 -7.92
N ALA A 92 5.47 -10.75 -6.71
CA ALA A 92 5.73 -9.47 -6.06
C ALA A 92 5.16 -9.57 -4.66
N ILE A 93 5.31 -8.50 -3.89
CA ILE A 93 4.63 -8.36 -2.60
C ILE A 93 3.41 -7.49 -2.81
N TYR A 94 2.37 -7.73 -2.01
CA TYR A 94 1.07 -7.10 -2.21
C TYR A 94 0.48 -6.72 -0.86
N TYR A 95 0.05 -5.46 -0.71
CA TYR A 95 -0.53 -4.97 0.53
C TYR A 95 -1.99 -4.56 0.33
N CYS A 96 -2.72 -4.48 1.44
CA CYS A 96 -4.06 -3.91 1.49
C CYS A 96 -4.11 -2.73 2.44
N ALA A 97 -4.97 -1.77 2.13
CA ALA A 97 -5.04 -0.51 2.87
C ALA A 97 -6.47 0.01 2.86
N GLY A 98 -6.76 0.96 3.74
CA GLY A 98 -8.14 1.39 3.93
C GLY A 98 -8.28 2.84 4.35
N GLY A 99 -9.41 3.44 3.97
CA GLY A 99 -9.78 4.79 4.36
C GLY A 99 -11.29 4.93 4.39
N SER A 100 -11.76 6.08 4.87
CA SER A 100 -13.18 6.22 5.18
C SER A 100 -14.03 6.31 3.91
N GLY A 101 -13.61 7.10 2.92
CA GLY A 101 -14.45 7.46 1.82
C GLY A 101 -13.88 7.14 0.45
N ILE A 102 -14.63 7.53 -0.58
CA ILE A 102 -14.26 7.22 -1.96
C ILE A 102 -12.93 7.86 -2.32
N SER A 103 -12.70 9.10 -1.88
CA SER A 103 -11.48 9.86 -2.16
C SER A 103 -10.91 10.28 -0.82
N THR A 104 -10.21 9.35 -0.17
CA THR A 104 -9.73 9.52 1.19
C THR A 104 -8.43 8.75 1.33
N PRO A 105 -7.58 9.11 2.28
CA PRO A 105 -6.28 8.46 2.39
C PRO A 105 -6.35 7.08 3.03
N MET A 106 -5.35 6.26 2.70
CA MET A 106 -5.21 4.90 3.24
C MET A 106 -4.72 4.98 4.68
N ASP A 107 -5.59 4.62 5.63
CA ASP A 107 -5.25 4.78 7.04
C ASP A 107 -4.44 3.58 7.55
N VAL A 108 -5.02 2.38 7.52
CA VAL A 108 -4.41 1.19 8.11
C VAL A 108 -4.05 0.21 7.01
N TRP A 109 -2.92 -0.49 7.20
CA TRP A 109 -2.41 -1.44 6.24
C TRP A 109 -2.21 -2.80 6.87
N GLY A 110 -2.05 -3.81 6.01
CA GLY A 110 -1.80 -5.16 6.44
C GLY A 110 -0.33 -5.51 6.40
N GLN A 111 -0.03 -6.73 6.88
CA GLN A 111 1.35 -7.21 6.93
C GLN A 111 1.95 -7.36 5.54
N GLY A 112 1.14 -7.71 4.55
CA GLY A 112 1.65 -8.01 3.22
C GLY A 112 1.95 -9.48 3.03
N THR A 113 1.74 -9.96 1.81
CA THR A 113 2.07 -11.33 1.45
C THR A 113 2.77 -11.34 0.09
N THR A 114 3.89 -12.07 0.03
CA THR A 114 4.66 -12.22 -1.19
C THR A 114 4.39 -13.58 -1.83
N VAL A 115 4.53 -13.64 -3.15
CA VAL A 115 4.21 -14.84 -3.91
C VAL A 115 5.25 -15.00 -5.02
N THR A 116 5.57 -16.25 -5.36
CA THR A 116 6.57 -16.50 -6.39
C THR A 116 6.02 -17.46 -7.43
N VAL A 117 6.33 -17.20 -8.70
CA VAL A 117 5.76 -17.98 -9.81
C VAL A 117 6.85 -18.42 -10.79
N SER A 118 8.06 -18.65 -10.29
CA SER A 118 9.24 -18.77 -11.15
C SER A 118 9.36 -20.12 -11.89
N SER A 119 8.36 -21.01 -11.79
CA SER A 119 8.15 -22.20 -12.61
C SER A 119 9.07 -23.38 -12.30
N ALA A 120 10.06 -23.25 -11.43
CA ALA A 120 10.94 -24.36 -11.13
C ALA A 120 10.53 -25.02 -9.82
N SER A 121 11.09 -26.21 -9.57
CA SER A 121 10.71 -27.00 -8.41
C SER A 121 11.59 -26.67 -7.21
N THR A 122 11.05 -26.96 -6.03
CA THR A 122 11.79 -26.84 -4.78
C THR A 122 13.10 -27.62 -4.84
N LYS A 123 14.21 -26.95 -4.52
CA LYS A 123 15.50 -27.63 -4.50
C LYS A 123 16.26 -27.24 -3.24
N GLY A 124 16.96 -28.22 -2.67
CA GLY A 124 17.79 -28.01 -1.51
C GLY A 124 19.01 -27.15 -1.82
N PRO A 125 19.32 -26.21 -0.93
CA PRO A 125 20.45 -25.31 -1.17
C PRO A 125 21.78 -26.04 -1.13
N SER A 126 22.80 -25.42 -1.74
CA SER A 126 24.17 -25.90 -1.68
C SER A 126 25.02 -24.84 -1.00
N VAL A 127 25.72 -25.23 0.07
CA VAL A 127 26.44 -24.30 0.93
C VAL A 127 27.93 -24.47 0.70
N PHE A 128 28.63 -23.34 0.56
CA PHE A 128 30.07 -23.32 0.29
C PHE A 128 30.71 -22.29 1.20
N PRO A 129 31.98 -22.46 1.53
CA PRO A 129 32.68 -21.50 2.38
C PRO A 129 33.40 -20.42 1.57
N LEU A 130 33.93 -19.43 2.30
CA LEU A 130 34.81 -18.42 1.73
C LEU A 130 35.90 -18.10 2.74
N ALA A 131 37.14 -18.44 2.41
CA ALA A 131 38.31 -18.30 3.27
C ALA A 131 39.42 -17.59 2.53
N PRO A 132 40.37 -16.94 3.25
CA PRO A 132 41.39 -16.18 2.52
C PRO A 132 42.43 -17.09 1.89
N LYS A 135 45.45 -18.16 2.08
CA LYS A 135 46.03 -17.50 3.24
C LYS A 135 47.06 -16.47 2.79
N SER A 136 47.03 -16.14 1.50
CA SER A 136 47.98 -15.16 0.95
C SER A 136 47.69 -13.77 1.48
N THR A 137 46.50 -13.24 1.21
CA THR A 137 46.07 -11.94 1.71
C THR A 137 45.21 -12.18 2.95
N SER A 138 45.87 -12.28 4.10
CA SER A 138 45.21 -12.57 5.37
C SER A 138 45.71 -11.60 6.45
N GLY A 139 45.74 -10.31 6.11
CA GLY A 139 46.09 -9.28 7.06
C GLY A 139 45.09 -8.14 7.01
N GLY A 140 45.19 -7.26 8.01
CA GLY A 140 44.32 -6.10 8.08
C GLY A 140 42.86 -6.40 8.32
N THR A 141 42.57 -7.23 9.33
CA THR A 141 41.20 -7.52 9.77
C THR A 141 40.35 -8.08 8.62
N ALA A 142 40.86 -9.14 7.99
CA ALA A 142 40.16 -9.76 6.87
C ALA A 142 38.88 -10.47 7.34
N ALA A 143 37.91 -10.53 6.43
CA ALA A 143 36.56 -10.99 6.74
C ALA A 143 36.27 -12.31 6.03
N LEU A 144 35.40 -13.13 6.63
CA LEU A 144 35.07 -14.44 6.09
C LEU A 144 33.56 -14.67 6.13
N GLY A 145 33.09 -15.64 5.37
CA GLY A 145 31.67 -15.92 5.34
C GLY A 145 31.32 -17.16 4.54
N CYS A 146 30.02 -17.28 4.26
CA CYS A 146 29.45 -18.42 3.58
C CYS A 146 28.66 -17.97 2.36
N LEU A 147 28.58 -18.86 1.38
CA LEU A 147 27.85 -18.68 0.12
C LEU A 147 26.81 -19.78 0.02
N VAL A 148 25.63 -19.44 -0.46
CA VAL A 148 24.58 -20.43 -0.69
C VAL A 148 24.08 -20.27 -2.12
N LYS A 149 24.03 -21.39 -2.84
CA LYS A 149 23.84 -21.41 -4.27
C LYS A 149 22.80 -22.45 -4.63
N ASP A 150 22.09 -22.20 -5.75
CA ASP A 150 21.19 -23.16 -6.37
C ASP A 150 19.99 -23.52 -5.49
N TYR A 151 19.59 -22.61 -4.60
CA TYR A 151 18.40 -22.79 -3.79
C TYR A 151 17.24 -22.01 -4.41
N PHE A 152 16.24 -22.73 -4.92
CA PHE A 152 15.11 -22.10 -5.60
C PHE A 152 14.04 -21.48 -4.71
N PRO A 153 13.40 -22.25 -3.83
CA PRO A 153 12.04 -21.87 -3.38
C PRO A 153 11.95 -20.51 -2.71
N GLU A 154 12.75 -20.26 -1.66
CA GLU A 154 12.54 -19.06 -0.87
C GLU A 154 13.73 -18.84 0.06
N PRO A 155 14.16 -17.59 0.30
CA PRO A 155 15.35 -17.36 1.13
C PRO A 155 15.02 -17.31 2.61
N VAL A 156 15.86 -17.98 3.40
CA VAL A 156 15.71 -18.06 4.86
C VAL A 156 17.04 -17.69 5.51
N THR A 157 16.96 -17.24 6.77
CA THR A 157 18.07 -16.58 7.44
C THR A 157 19.21 -17.55 7.78
N VAL A 158 20.45 -17.05 7.64
CA VAL A 158 21.61 -17.73 8.17
C VAL A 158 21.86 -17.25 9.60
N SER A 159 22.53 -18.06 10.39
CA SER A 159 22.96 -17.65 11.71
C SER A 159 24.44 -17.99 11.87
N TRP A 160 25.11 -17.23 12.73
CA TRP A 160 26.56 -17.32 12.89
C TRP A 160 26.86 -17.86 14.28
N ASN A 161 27.28 -19.11 14.35
CA ASN A 161 27.50 -19.84 15.61
C ASN A 161 26.26 -19.77 16.49
N SER A 162 25.16 -20.24 15.93
CA SER A 162 23.85 -20.23 16.62
C SER A 162 23.49 -18.83 17.08
N GLY A 163 23.89 -17.82 16.31
CA GLY A 163 23.65 -16.44 16.68
C GLY A 163 24.57 -15.87 17.73
N ALA A 164 25.74 -16.47 17.94
CA ALA A 164 26.65 -15.98 18.97
C ALA A 164 27.17 -14.58 18.64
N LEU A 165 27.56 -14.37 17.39
CA LEU A 165 28.10 -13.08 16.95
C LEU A 165 27.13 -12.42 15.99
N THR A 166 26.98 -11.11 16.15
CA THR A 166 26.00 -10.36 15.37
C THR A 166 26.61 -9.14 14.69
N SER A 167 27.57 -8.49 15.34
CA SER A 167 28.11 -7.24 14.83
C SER A 167 28.96 -7.49 13.58
N GLY A 168 28.97 -6.52 12.69
CA GLY A 168 29.82 -6.54 11.50
C GLY A 168 29.39 -7.56 10.46
N VAL A 169 28.34 -8.31 10.79
CA VAL A 169 27.81 -9.30 9.86
C VAL A 169 26.90 -8.60 8.85
N HIS A 170 27.16 -8.85 7.57
CA HIS A 170 26.37 -8.28 6.49
C HIS A 170 25.90 -9.42 5.58
N THR A 171 24.64 -9.82 5.73
CA THR A 171 24.03 -10.84 4.90
C THR A 171 23.42 -10.22 3.65
N PHE A 172 23.61 -10.89 2.51
CA PHE A 172 23.22 -10.22 1.27
C PHE A 172 21.88 -10.74 0.76
N PRO A 173 21.10 -9.89 0.10
CA PRO A 173 19.82 -10.34 -0.46
C PRO A 173 20.03 -11.37 -1.56
N ALA A 174 18.98 -12.14 -1.82
CA ALA A 174 19.03 -13.19 -2.82
C ALA A 174 19.33 -12.62 -4.21
N VAL A 175 20.06 -13.40 -5.00
CA VAL A 175 20.39 -13.04 -6.36
C VAL A 175 19.93 -14.16 -7.27
N LEU A 176 19.10 -13.84 -8.26
CA LEU A 176 18.58 -14.84 -9.17
C LEU A 176 19.56 -15.08 -10.31
N GLN A 177 19.70 -16.36 -10.69
CA GLN A 177 20.59 -16.78 -11.76
C GLN A 177 19.78 -17.11 -13.00
N SER A 178 20.49 -17.35 -14.11
CA SER A 178 19.81 -17.61 -15.38
C SER A 178 19.00 -18.89 -15.34
N SER A 179 19.38 -19.84 -14.47
CA SER A 179 18.67 -21.10 -14.34
C SER A 179 17.43 -21.02 -13.46
N GLY A 180 16.96 -19.82 -13.14
CA GLY A 180 15.69 -19.63 -12.45
C GLY A 180 15.75 -19.77 -10.94
N LEU A 181 16.92 -20.00 -10.37
CA LEU A 181 17.11 -20.20 -8.94
C LEU A 181 17.76 -18.98 -8.29
N TYR A 182 17.97 -19.06 -6.98
CA TYR A 182 18.54 -17.98 -6.20
C TYR A 182 19.86 -18.40 -5.58
N SER A 183 20.60 -17.40 -5.10
CA SER A 183 21.88 -17.61 -4.41
C SER A 183 22.26 -16.33 -3.68
N LEU A 184 22.67 -16.46 -2.41
CA LEU A 184 23.12 -15.28 -1.67
C LEU A 184 24.42 -15.58 -0.94
N SER A 185 24.86 -14.63 -0.12
CA SER A 185 26.15 -14.74 0.56
C SER A 185 26.12 -13.89 1.83
N SER A 186 26.63 -14.46 2.92
CA SER A 186 26.65 -13.80 4.23
C SER A 186 28.07 -13.74 4.74
N VAL A 187 28.53 -12.53 5.07
CA VAL A 187 29.92 -12.29 5.45
C VAL A 187 29.96 -11.60 6.80
N VAL A 188 31.01 -11.87 7.58
CA VAL A 188 31.27 -11.19 8.84
C VAL A 188 32.76 -10.83 8.89
N THR A 189 33.05 -9.65 9.41
CA THR A 189 34.42 -9.16 9.54
C THR A 189 35.02 -9.63 10.86
N VAL A 190 36.25 -10.13 10.79
CA VAL A 190 36.97 -10.60 11.98
C VAL A 190 38.38 -10.05 11.94
N PRO A 191 39.03 -9.94 13.10
CA PRO A 191 40.42 -9.45 13.11
C PRO A 191 41.37 -10.40 12.40
N SER A 192 42.48 -9.84 11.91
CA SER A 192 43.51 -10.61 11.21
C SER A 192 44.28 -11.54 12.13
N SER A 193 44.07 -11.48 13.44
CA SER A 193 44.68 -12.39 14.40
C SER A 193 43.73 -13.48 14.88
N SER A 194 42.45 -13.17 15.05
CA SER A 194 41.46 -14.15 15.49
C SER A 194 41.10 -15.03 14.30
N LEU A 195 42.00 -15.96 14.00
CA LEU A 195 41.82 -16.90 12.89
C LEU A 195 41.48 -18.29 13.39
N GLY A 196 42.32 -18.87 14.24
CA GLY A 196 42.04 -20.13 14.90
C GLY A 196 41.56 -19.99 16.32
N THR A 197 41.49 -18.76 16.83
CA THR A 197 41.09 -18.54 18.23
C THR A 197 39.62 -18.88 18.44
N GLN A 198 38.80 -18.77 17.40
CA GLN A 198 37.37 -19.06 17.48
C GLN A 198 36.99 -20.07 16.42
N THR A 199 35.85 -20.72 16.64
CA THR A 199 35.18 -21.51 15.61
C THR A 199 34.13 -20.66 14.92
N TYR A 200 34.03 -20.81 13.60
CA TYR A 200 33.10 -20.02 12.79
C TYR A 200 32.26 -20.98 11.96
N ILE A 201 30.96 -21.05 12.26
CA ILE A 201 30.05 -21.99 11.64
C ILE A 201 28.81 -21.24 11.17
N CYS A 202 28.46 -21.37 9.89
CA CYS A 202 27.18 -20.83 9.42
C CYS A 202 26.13 -21.91 9.54
N ASN A 203 24.98 -21.53 10.10
CA ASN A 203 23.80 -22.39 10.19
C ASN A 203 22.80 -21.85 9.19
N VAL A 204 22.65 -22.55 8.06
CA VAL A 204 21.68 -22.20 7.05
C VAL A 204 20.43 -23.03 7.28
N ASN A 205 19.29 -22.36 7.37
CA ASN A 205 17.99 -23.02 7.43
C ASN A 205 17.22 -22.67 6.18
N HIS A 206 16.49 -23.64 5.65
CA HIS A 206 15.63 -23.45 4.47
C HIS A 206 14.39 -24.30 4.74
N LYS A 207 13.38 -23.68 5.34
CA LYS A 207 12.16 -24.39 5.74
C LYS A 207 11.30 -24.83 4.57
N PRO A 208 11.25 -24.12 3.43
CA PRO A 208 10.54 -24.71 2.27
C PRO A 208 11.09 -26.05 1.85
N SER A 209 12.42 -26.23 1.91
CA SER A 209 13.03 -27.53 1.65
C SER A 209 13.26 -28.33 2.93
N ASN A 210 12.97 -27.74 4.10
CA ASN A 210 13.21 -28.38 5.40
C ASN A 210 14.64 -28.87 5.51
N THR A 211 15.59 -28.05 5.07
CA THR A 211 17.00 -28.39 5.10
C THR A 211 17.72 -27.47 6.07
N LYS A 212 18.37 -28.05 7.07
CA LYS A 212 19.15 -27.31 8.06
C LYS A 212 20.58 -27.84 8.01
N VAL A 213 21.51 -26.99 7.60
CA VAL A 213 22.91 -27.39 7.38
C VAL A 213 23.81 -26.48 8.19
N ASP A 214 24.78 -27.06 8.87
CA ASP A 214 25.82 -26.32 9.58
C ASP A 214 27.16 -26.58 8.92
N LYS A 215 27.98 -25.53 8.75
CA LYS A 215 29.26 -25.70 8.09
C LYS A 215 30.31 -24.78 8.71
N LYS A 216 31.50 -25.32 8.98
CA LYS A 216 32.62 -24.55 9.50
C LYS A 216 33.49 -24.04 8.36
N VAL A 217 34.15 -22.89 8.60
CA VAL A 217 34.97 -22.23 7.59
C VAL A 217 36.32 -21.86 8.19
N GLU A 218 37.41 -22.26 7.50
CA GLU A 218 38.76 -21.79 7.78
C GLU A 218 39.69 -22.18 6.63
N PRO A 219 40.65 -21.32 6.26
CA PRO A 219 41.51 -21.64 5.12
C PRO A 219 42.44 -22.81 5.39
N LYS A 220 42.84 -23.48 4.31
CA LYS A 220 43.66 -24.68 4.37
C LYS A 220 45.05 -24.39 3.82
N SER A 221 46.08 -24.78 4.57
CA SER A 221 47.44 -24.79 4.05
C SER A 221 47.67 -26.06 3.24
N CYS A 222 48.67 -26.00 2.36
CA CYS A 222 48.95 -27.12 1.47
C CYS A 222 49.80 -28.19 2.17
N ASP A 223 49.59 -29.44 1.77
CA ASP A 223 50.23 -30.61 2.35
C ASP A 223 51.74 -30.42 2.58
N ASP B 1 -7.60 9.78 -15.34
CA ASP B 1 -6.25 9.40 -14.90
C ASP B 1 -5.31 10.61 -14.93
N ILE B 2 -4.60 10.82 -13.82
CA ILE B 2 -3.72 11.96 -13.63
C ILE B 2 -2.36 11.48 -13.15
N VAL B 3 -1.30 12.04 -13.72
CA VAL B 3 0.06 11.57 -13.51
C VAL B 3 0.68 12.32 -12.33
N MET B 4 1.23 11.56 -11.38
CA MET B 4 2.00 12.09 -10.26
C MET B 4 3.46 11.70 -10.44
N THR B 5 4.35 12.70 -10.43
CA THR B 5 5.77 12.43 -10.65
C THR B 5 6.61 13.21 -9.65
N GLN B 6 7.58 12.53 -9.03
CA GLN B 6 8.40 13.15 -7.99
C GLN B 6 9.60 13.87 -8.58
N SER B 7 9.98 14.99 -7.94
CA SER B 7 11.10 15.78 -8.43
C SER B 7 12.44 15.12 -8.15
N PRO B 8 12.81 14.80 -6.89
CA PRO B 8 14.10 14.13 -6.67
C PRO B 8 13.98 12.61 -6.73
N ASP B 9 14.86 11.98 -7.52
CA ASP B 9 14.89 10.52 -7.58
C ASP B 9 15.68 9.96 -6.41
N SER B 10 16.95 10.30 -6.32
CA SER B 10 17.78 9.98 -5.17
C SER B 10 18.02 11.24 -4.35
N LEU B 11 18.39 11.03 -3.08
CA LEU B 11 18.55 12.17 -2.17
C LEU B 11 19.43 11.73 -1.01
N ALA B 12 20.54 12.44 -0.81
CA ALA B 12 21.48 12.18 0.28
C ALA B 12 21.56 13.40 1.17
N VAL B 13 21.10 13.27 2.41
CA VAL B 13 21.04 14.38 3.37
C VAL B 13 21.58 13.91 4.71
N SER B 14 22.47 14.70 5.29
CA SER B 14 22.95 14.43 6.64
C SER B 14 21.87 14.79 7.66
N LEU B 15 21.89 14.08 8.78
CA LEU B 15 20.82 14.19 9.76
C LEU B 15 20.76 15.59 10.36
N GLY B 16 19.64 15.87 11.04
CA GLY B 16 19.44 17.16 11.66
C GLY B 16 19.37 18.31 10.69
N GLU B 17 18.87 18.07 9.48
CA GLU B 17 18.82 19.13 8.49
C GLU B 17 17.62 18.92 7.57
N ARG B 18 17.23 20.00 6.91
CA ARG B 18 16.01 20.03 6.11
C ARG B 18 16.21 19.29 4.79
N ALA B 19 15.17 18.55 4.38
CA ALA B 19 15.13 17.90 3.08
C ALA B 19 13.73 18.06 2.50
N THR B 20 13.65 18.20 1.18
CA THR B 20 12.39 18.50 0.51
C THR B 20 12.20 17.63 -0.72
N ILE B 21 10.98 17.11 -0.88
CA ILE B 21 10.54 16.38 -2.06
C ILE B 21 9.37 17.15 -2.66
N ASN B 22 9.16 16.98 -3.96
CA ASN B 22 8.04 17.63 -4.63
C ASN B 22 7.44 16.70 -5.67
N CYS B 23 6.11 16.72 -5.77
CA CYS B 23 5.38 15.93 -6.75
C CYS B 23 4.58 16.83 -7.68
N LYS B 24 4.51 16.42 -8.95
CA LYS B 24 3.77 17.11 -9.99
C LYS B 24 2.53 16.32 -10.33
N SER B 25 1.40 17.01 -10.44
CA SER B 25 0.13 16.46 -10.88
C SER B 25 -0.24 17.07 -12.22
N SER B 26 -0.84 16.26 -13.10
CA SER B 26 -1.19 16.74 -14.43
C SER B 26 -2.24 17.84 -14.36
N GLN B 27 -3.23 17.70 -13.48
CA GLN B 27 -4.26 18.72 -13.25
C GLN B 27 -4.42 18.91 -11.76
N SER B 28 -4.15 20.12 -11.27
CA SER B 28 -4.19 20.37 -9.83
C SER B 28 -5.54 19.99 -9.26
N VAL B 29 -5.51 19.22 -8.17
CA VAL B 29 -6.73 18.65 -7.57
C VAL B 29 -6.71 19.01 -6.09
N LEU B 30 -7.31 20.15 -5.75
CA LEU B 30 -7.39 20.62 -4.38
C LEU B 30 -8.49 21.69 -4.32
N TYR B 31 -9.17 21.73 -3.18
CA TYR B 31 -10.30 22.64 -2.94
C TYR B 31 -11.21 22.71 -4.16
N SER B 32 -11.58 21.53 -4.67
CA SER B 32 -12.64 21.50 -5.67
C SER B 32 -13.98 21.86 -5.06
N SER B 33 -14.19 21.48 -3.80
CA SER B 33 -15.37 21.84 -3.03
C SER B 33 -15.09 22.28 -1.60
N ILE B 34 -13.89 22.04 -1.08
CA ILE B 34 -13.64 22.03 0.37
C ILE B 34 -12.16 22.31 0.61
N ASN B 35 -11.87 22.99 1.73
CA ASN B 35 -10.70 23.85 1.83
C ASN B 35 -9.37 23.09 1.73
N LYS B 36 -9.31 21.85 2.21
CA LYS B 36 -8.02 21.17 2.29
C LYS B 36 -7.52 20.79 0.88
N ASN B 37 -6.39 20.08 0.84
CA ASN B 37 -5.70 19.74 -0.39
C ASN B 37 -6.04 18.34 -0.90
N TYR B 38 -6.19 17.37 0.01
CA TYR B 38 -6.71 16.03 -0.28
C TYR B 38 -5.77 15.20 -1.15
N LEU B 39 -4.46 15.43 -1.00
CA LEU B 39 -3.42 14.52 -1.44
C LEU B 39 -2.45 14.32 -0.28
N ALA B 40 -1.73 13.19 -0.30
CA ALA B 40 -0.95 12.80 0.87
C ALA B 40 0.39 12.21 0.44
N TRP B 41 1.28 12.06 1.42
CA TRP B 41 2.57 11.40 1.27
C TRP B 41 2.62 10.16 2.15
N TYR B 42 3.39 9.17 1.70
CA TYR B 42 3.60 7.94 2.44
C TYR B 42 5.09 7.65 2.51
N GLN B 43 5.50 7.00 3.60
CA GLN B 43 6.87 6.52 3.75
C GLN B 43 6.84 5.04 4.11
N GLN B 44 7.76 4.29 3.54
CA GLN B 44 7.77 2.83 3.69
C GLN B 44 9.19 2.38 3.93
N LYS B 45 9.47 1.93 5.15
CA LYS B 45 10.78 1.38 5.44
C LYS B 45 11.02 0.15 4.58
N PRO B 46 12.24 -0.09 4.13
CA PRO B 46 12.50 -1.30 3.34
C PRO B 46 12.15 -2.56 4.12
N GLY B 47 11.41 -3.46 3.47
CA GLY B 47 10.93 -4.64 4.14
C GLY B 47 9.75 -4.42 5.06
N GLN B 48 9.10 -3.26 4.99
CA GLN B 48 8.01 -2.83 5.86
C GLN B 48 6.77 -2.54 5.02
N PRO B 49 5.58 -2.74 5.58
CA PRO B 49 4.38 -2.18 4.96
C PRO B 49 4.40 -0.66 5.07
N PRO B 50 3.97 0.04 4.01
CA PRO B 50 3.97 1.51 4.05
C PRO B 50 2.98 2.05 5.07
N LYS B 51 3.31 3.22 5.61
CA LYS B 51 2.45 3.98 6.50
C LYS B 51 2.16 5.34 5.89
N LEU B 52 1.28 6.09 6.53
CA LEU B 52 0.93 7.43 6.08
C LEU B 52 1.53 8.44 7.06
N LEU B 53 1.71 9.67 6.59
CA LEU B 53 2.31 10.69 7.45
C LEU B 53 1.43 11.93 7.63
N ILE B 54 0.70 12.37 6.61
CA ILE B 54 -0.15 13.55 6.77
C ILE B 54 -1.37 13.41 5.87
N TYR B 55 -2.56 13.66 6.45
CA TYR B 55 -3.80 13.67 5.67
C TYR B 55 -3.90 14.99 4.89
N TRP B 56 -4.25 14.89 3.61
CA TRP B 56 -4.64 16.04 2.80
C TRP B 56 -3.53 17.08 2.69
N ALA B 57 -2.28 16.69 2.95
CA ALA B 57 -1.12 17.57 3.00
C ALA B 57 -1.24 18.68 4.05
N SER B 58 -2.27 18.62 4.92
CA SER B 58 -2.40 19.62 5.97
C SER B 58 -2.89 19.05 7.30
N THR B 59 -2.85 17.73 7.50
CA THR B 59 -3.38 17.11 8.71
C THR B 59 -2.42 16.03 9.20
N ARG B 60 -1.67 16.34 10.25
CA ARG B 60 -0.79 15.36 10.87
C ARG B 60 -1.61 14.21 11.46
N GLU B 61 -1.03 13.02 11.43
CA GLU B 61 -1.71 11.80 11.86
C GLU B 61 -1.26 11.42 13.27
N SER B 62 -2.09 10.63 13.95
CA SER B 62 -1.78 10.19 15.31
C SER B 62 -0.45 9.43 15.34
N GLY B 63 0.40 9.78 16.30
CA GLY B 63 1.70 9.18 16.43
C GLY B 63 2.73 9.66 15.43
N VAL B 64 2.46 10.75 14.71
CA VAL B 64 3.40 11.29 13.73
C VAL B 64 4.26 12.35 14.41
N PRO B 65 5.57 12.32 14.21
CA PRO B 65 6.45 13.32 14.85
C PRO B 65 6.11 14.73 14.40
N ASP B 66 6.34 15.69 15.30
CA ASP B 66 5.96 17.07 15.10
C ASP B 66 6.87 17.82 14.12
N ARG B 67 8.01 17.24 13.75
CA ARG B 67 8.89 17.88 12.77
C ARG B 67 8.48 17.57 11.33
N PHE B 68 7.54 16.66 11.12
CA PHE B 68 7.05 16.36 9.77
C PHE B 68 5.93 17.34 9.42
N SER B 69 6.02 17.94 8.24
CA SER B 69 4.99 18.85 7.76
C SER B 69 4.97 18.84 6.25
N GLY B 70 3.83 19.23 5.70
CA GLY B 70 3.64 19.24 4.26
C GLY B 70 2.95 20.51 3.81
N SER B 71 3.42 21.04 2.68
CA SER B 71 2.84 22.23 2.06
C SER B 71 2.70 21.96 0.57
N GLY B 72 1.48 22.06 0.06
CA GLY B 72 1.24 21.80 -1.35
C GLY B 72 0.37 22.82 -2.03
N SER B 73 0.88 23.44 -3.08
CA SER B 73 0.19 24.51 -3.80
C SER B 73 -0.09 24.08 -5.23
N GLY B 74 -1.35 24.11 -5.62
CA GLY B 74 -1.71 23.78 -6.99
C GLY B 74 -1.34 22.35 -7.32
N THR B 75 -0.48 22.18 -8.32
CA THR B 75 -0.01 20.87 -8.73
C THR B 75 1.29 20.46 -8.04
N ASP B 76 2.02 21.40 -7.46
CA ASP B 76 3.26 21.10 -6.75
C ASP B 76 2.97 20.91 -5.27
N PHE B 77 3.65 19.94 -4.65
CA PHE B 77 3.43 19.59 -3.26
C PHE B 77 4.79 19.34 -2.63
N THR B 78 5.20 20.21 -1.70
CA THR B 78 6.53 20.13 -1.09
C THR B 78 6.43 19.52 0.31
N LEU B 79 7.05 18.35 0.49
CA LEU B 79 7.17 17.72 1.79
C LEU B 79 8.52 18.09 2.38
N THR B 80 8.51 18.71 3.55
CA THR B 80 9.72 19.20 4.20
C THR B 80 9.92 18.47 5.53
N ILE B 81 11.17 18.44 5.98
CA ILE B 81 11.53 17.76 7.21
C ILE B 81 12.46 18.68 8.02
N SER B 82 12.24 18.73 9.34
CA SER B 82 13.03 19.63 10.17
C SER B 82 14.41 19.05 10.47
N SER B 83 14.45 17.82 10.98
CA SER B 83 15.71 17.16 11.31
C SER B 83 15.62 15.72 10.84
N LEU B 84 16.46 15.35 9.86
CA LEU B 84 16.58 13.96 9.49
C LEU B 84 17.13 13.16 10.67
N GLN B 85 16.63 11.94 10.83
CA GLN B 85 17.09 11.07 11.90
C GLN B 85 17.22 9.64 11.36
N ALA B 86 17.77 8.76 12.20
CA ALA B 86 18.08 7.41 11.76
C ALA B 86 16.81 6.62 11.42
N GLU B 87 15.76 6.77 12.24
CA GLU B 87 14.49 6.09 11.97
C GLU B 87 13.69 6.78 10.88
N ASP B 88 14.07 7.99 10.48
CA ASP B 88 13.36 8.71 9.42
C ASP B 88 13.61 8.09 8.05
N VAL B 89 14.69 7.30 7.89
CA VAL B 89 15.10 6.87 6.56
C VAL B 89 14.15 5.80 6.03
N ALA B 90 13.75 5.97 4.77
CA ALA B 90 12.87 5.04 4.06
C ALA B 90 12.68 5.49 2.62
N VAL B 91 11.95 4.71 1.83
CA VAL B 91 11.52 5.15 0.51
C VAL B 91 10.31 6.04 0.67
N TYR B 92 10.22 7.09 -0.14
CA TYR B 92 9.14 8.06 -0.03
C TYR B 92 8.34 8.14 -1.32
N TYR B 93 7.04 8.39 -1.17
CA TYR B 93 6.10 8.25 -2.27
C TYR B 93 5.01 9.30 -2.10
N CYS B 94 4.36 9.66 -3.21
CA CYS B 94 3.17 10.50 -3.15
C CYS B 94 1.91 9.69 -3.39
N GLN B 95 0.78 10.27 -2.99
CA GLN B 95 -0.55 9.75 -3.28
C GLN B 95 -1.38 10.87 -3.86
N GLN B 96 -2.14 10.56 -4.91
CA GLN B 96 -3.21 11.43 -5.37
C GLN B 96 -4.51 10.66 -5.25
N TYR B 97 -5.48 11.24 -4.55
CA TYR B 97 -6.77 10.59 -4.36
C TYR B 97 -7.91 11.57 -4.47
N TYR B 98 -7.86 12.46 -5.46
CA TYR B 98 -9.07 13.23 -5.76
C TYR B 98 -9.81 12.67 -6.97
N SER B 99 -9.10 12.03 -7.90
CA SER B 99 -9.71 11.36 -9.04
C SER B 99 -9.71 9.86 -8.81
N THR B 100 -10.44 9.14 -9.67
CA THR B 100 -10.66 7.72 -9.41
C THR B 100 -9.44 6.82 -9.66
N PRO B 101 -8.55 7.10 -10.61
CA PRO B 101 -7.29 6.36 -10.63
C PRO B 101 -6.19 7.07 -9.87
N TYR B 102 -5.32 6.29 -9.25
CA TYR B 102 -4.15 6.81 -8.55
C TYR B 102 -2.88 6.27 -9.22
N THR B 103 -1.85 7.11 -9.31
CA THR B 103 -0.57 6.71 -9.89
C THR B 103 0.60 6.77 -8.92
N PHE B 104 0.44 7.40 -7.75
CA PHE B 104 1.43 7.41 -6.69
C PHE B 104 2.67 8.21 -7.05
N GLY B 105 3.84 7.58 -7.10
CA GLY B 105 5.05 8.34 -7.35
C GLY B 105 6.17 7.46 -7.88
N GLN B 106 7.24 8.14 -8.31
CA GLN B 106 8.41 7.42 -8.81
C GLN B 106 9.16 6.69 -7.69
N GLY B 107 9.32 7.35 -6.54
CA GLY B 107 10.10 6.82 -5.45
C GLY B 107 11.29 7.69 -5.11
N THR B 108 11.36 8.17 -3.87
CA THR B 108 12.44 9.05 -3.44
C THR B 108 13.25 8.30 -2.38
N LYS B 109 14.42 7.80 -2.78
CA LYS B 109 15.33 7.19 -1.83
C LYS B 109 15.96 8.25 -0.94
N VAL B 110 16.48 7.79 0.20
CA VAL B 110 17.13 8.66 1.16
C VAL B 110 18.46 8.06 1.58
N GLU B 111 19.42 8.93 1.89
CA GLU B 111 20.74 8.51 2.32
C GLU B 111 21.12 9.31 3.56
N ILE B 112 22.36 9.15 4.05
CA ILE B 112 22.93 10.00 5.08
C ILE B 112 24.21 10.61 4.53
N LYS B 113 24.32 11.94 4.58
CA LYS B 113 25.51 12.63 4.09
C LYS B 113 26.55 12.61 5.22
N ARG B 114 27.21 11.46 5.36
CA ARG B 114 28.17 11.27 6.43
C ARG B 114 29.13 10.17 6.02
N THR B 115 30.22 10.06 6.78
CA THR B 115 31.21 8.98 6.69
C THR B 115 31.52 8.60 5.23
N VAL B 116 31.84 9.62 4.43
CA VAL B 116 32.29 9.41 3.06
C VAL B 116 33.55 8.53 3.14
N ALA B 117 33.45 7.31 2.63
CA ALA B 117 34.42 6.28 2.97
C ALA B 117 34.74 5.42 1.75
N ALA B 118 35.71 4.52 1.93
CA ALA B 118 36.29 3.59 0.97
C ALA B 118 35.90 2.16 1.30
N PRO B 119 35.68 1.31 0.29
CA PRO B 119 35.29 -0.08 0.56
C PRO B 119 36.44 -0.90 1.12
N SER B 120 36.08 -1.87 1.95
CA SER B 120 36.98 -2.96 2.34
C SER B 120 36.76 -4.07 1.32
N VAL B 121 37.62 -4.15 0.32
CA VAL B 121 37.42 -5.02 -0.84
C VAL B 121 38.20 -6.31 -0.65
N PHE B 122 37.50 -7.44 -0.72
CA PHE B 122 38.09 -8.76 -0.65
C PHE B 122 37.69 -9.56 -1.89
N ILE B 123 38.50 -10.57 -2.20
CA ILE B 123 38.15 -11.53 -3.24
C ILE B 123 38.08 -12.91 -2.60
N PHE B 124 37.30 -13.79 -3.23
CA PHE B 124 37.16 -15.16 -2.76
C PHE B 124 37.09 -16.13 -3.92
N PRO B 125 38.12 -16.95 -4.10
CA PRO B 125 38.09 -17.99 -5.14
C PRO B 125 37.03 -19.03 -4.85
N PRO B 126 36.63 -19.82 -5.86
CA PRO B 126 35.58 -20.82 -5.62
C PRO B 126 35.99 -21.88 -4.62
N SER B 127 35.00 -22.41 -3.92
CA SER B 127 35.24 -23.49 -2.97
C SER B 127 35.65 -24.76 -3.71
N ASP B 128 36.37 -25.63 -2.99
CA ASP B 128 36.88 -26.86 -3.61
C ASP B 128 35.74 -27.83 -3.93
N GLU B 129 34.77 -27.96 -3.01
CA GLU B 129 33.67 -28.90 -3.22
C GLU B 129 32.78 -28.49 -4.39
N GLN B 130 32.86 -27.25 -4.83
CA GLN B 130 32.08 -26.82 -5.99
C GLN B 130 32.64 -27.39 -7.29
N LEU B 131 33.90 -27.82 -7.30
CA LEU B 131 34.45 -28.49 -8.47
C LEU B 131 33.77 -29.82 -8.74
N LYS B 132 33.27 -30.47 -7.68
CA LYS B 132 32.41 -31.63 -7.88
C LYS B 132 31.12 -31.24 -8.58
N SER B 133 30.61 -30.04 -8.32
CA SER B 133 29.40 -29.54 -8.98
C SER B 133 29.64 -29.15 -10.43
N GLY B 134 30.89 -29.07 -10.87
CA GLY B 134 31.20 -28.67 -12.22
C GLY B 134 30.97 -27.21 -12.53
N THR B 135 30.60 -26.40 -11.54
CA THR B 135 30.39 -24.97 -11.70
C THR B 135 31.47 -24.22 -10.92
N ALA B 136 31.91 -23.09 -11.48
CA ALA B 136 32.97 -22.28 -10.88
C ALA B 136 32.40 -20.89 -10.63
N SER B 137 32.10 -20.59 -9.38
CA SER B 137 31.59 -19.28 -8.97
C SER B 137 32.60 -18.63 -8.03
N VAL B 138 32.91 -17.37 -8.30
CA VAL B 138 33.92 -16.62 -7.56
C VAL B 138 33.32 -15.29 -7.11
N VAL B 139 33.63 -14.89 -5.88
CA VAL B 139 32.99 -13.76 -5.22
C VAL B 139 34.03 -12.68 -4.95
N CYS B 140 33.62 -11.42 -5.12
CA CYS B 140 34.41 -10.25 -4.77
C CYS B 140 33.49 -9.27 -4.06
N LEU B 141 33.76 -8.99 -2.78
CA LEU B 141 32.85 -8.20 -1.97
C LEU B 141 33.47 -6.86 -1.61
N LEU B 142 32.60 -5.97 -1.12
CA LEU B 142 32.97 -4.63 -0.70
C LEU B 142 32.24 -4.36 0.60
N ASN B 143 32.97 -4.05 1.65
CA ASN B 143 32.39 -3.85 2.97
C ASN B 143 32.59 -2.40 3.41
N ASN B 144 31.54 -1.82 3.97
CA ASN B 144 31.59 -0.50 4.59
C ASN B 144 32.14 0.57 3.65
N PHE B 145 31.42 0.77 2.55
CA PHE B 145 31.65 1.87 1.62
C PHE B 145 30.38 2.71 1.53
N TYR B 146 30.48 3.99 1.90
CA TYR B 146 29.24 4.76 1.98
C TYR B 146 28.75 5.20 0.60
N PRO B 147 29.56 5.91 -0.23
CA PRO B 147 28.99 6.42 -1.49
C PRO B 147 28.49 5.25 -2.32
N ARG B 148 27.17 5.16 -2.50
CA ARG B 148 26.53 3.92 -2.94
C ARG B 148 27.05 3.46 -4.30
N GLU B 149 27.77 4.31 -5.01
CA GLU B 149 28.24 4.01 -6.35
C GLU B 149 29.49 3.15 -6.28
N ALA B 150 29.43 1.95 -6.86
CA ALA B 150 30.42 0.89 -6.64
C ALA B 150 30.80 0.18 -7.94
N LYS B 151 31.19 0.95 -8.96
CA LYS B 151 31.53 0.36 -10.26
C LYS B 151 32.63 -0.69 -10.13
N VAL B 152 32.29 -1.95 -10.46
CA VAL B 152 33.18 -3.10 -10.30
C VAL B 152 33.22 -3.87 -11.61
N GLN B 153 34.42 -4.25 -12.05
CA GLN B 153 34.61 -5.13 -13.18
C GLN B 153 35.45 -6.33 -12.76
N TRP B 154 35.52 -7.33 -13.64
CA TRP B 154 36.31 -8.53 -13.41
C TRP B 154 37.34 -8.69 -14.53
N LYS B 155 38.46 -9.34 -14.20
CA LYS B 155 39.57 -9.52 -15.13
C LYS B 155 40.20 -10.88 -14.88
N VAL B 156 40.08 -11.79 -15.85
CA VAL B 156 40.81 -13.06 -15.83
C VAL B 156 41.89 -12.97 -16.90
N ASP B 157 43.14 -13.12 -16.48
CA ASP B 157 44.29 -12.85 -17.34
C ASP B 157 44.16 -11.47 -17.98
N ASN B 158 43.77 -10.50 -17.14
CA ASN B 158 43.38 -9.14 -17.54
C ASN B 158 42.58 -9.14 -18.86
N ALA B 159 41.58 -10.01 -18.92
CA ALA B 159 40.53 -9.95 -19.92
C ALA B 159 39.23 -9.63 -19.22
N LEU B 160 38.54 -8.60 -19.68
CA LEU B 160 37.40 -8.05 -18.96
C LEU B 160 36.15 -8.89 -19.22
N GLN B 161 35.48 -9.33 -18.13
CA GLN B 161 34.23 -10.09 -18.20
C GLN B 161 33.19 -9.36 -17.35
N SER B 162 32.52 -8.39 -17.96
CA SER B 162 31.47 -7.67 -17.23
C SER B 162 30.13 -8.38 -17.32
N GLY B 163 29.94 -9.18 -18.38
CA GLY B 163 28.66 -9.84 -18.59
C GLY B 163 28.38 -10.96 -17.61
N ASN B 164 29.42 -11.62 -17.12
CA ASN B 164 29.24 -12.85 -16.34
C ASN B 164 28.86 -12.57 -14.89
N SER B 165 29.25 -11.44 -14.33
CA SER B 165 29.12 -11.20 -12.90
C SER B 165 27.74 -10.64 -12.54
N GLN B 166 27.34 -10.93 -11.30
CA GLN B 166 26.14 -10.37 -10.69
C GLN B 166 26.57 -9.56 -9.47
N GLU B 167 25.76 -8.57 -9.08
CA GLU B 167 26.03 -7.80 -7.89
C GLU B 167 24.83 -7.79 -6.96
N SER B 168 25.11 -7.78 -5.65
CA SER B 168 24.11 -7.74 -4.60
C SER B 168 24.52 -6.67 -3.60
N VAL B 169 23.68 -5.66 -3.41
CA VAL B 169 23.98 -4.54 -2.55
C VAL B 169 23.03 -4.56 -1.35
N THR B 170 23.60 -4.46 -0.15
CA THR B 170 22.77 -4.35 1.04
C THR B 170 22.22 -2.94 1.21
N GLU B 171 21.18 -2.83 2.02
CA GLU B 171 20.67 -1.54 2.43
C GLU B 171 21.72 -0.78 3.24
N GLN B 172 21.59 0.54 3.28
CA GLN B 172 22.45 1.32 4.15
C GLN B 172 22.19 0.91 5.59
N ASP B 173 23.15 0.23 6.20
CA ASP B 173 22.93 -0.30 7.54
C ASP B 173 22.78 0.86 8.54
N SER B 174 22.02 0.59 9.60
CA SER B 174 21.86 1.57 10.67
C SER B 174 23.08 1.64 11.58
N LYS B 175 24.00 0.68 11.48
CA LYS B 175 25.14 0.62 12.36
C LYS B 175 26.21 1.63 11.97
N ASP B 176 26.77 1.48 10.77
CA ASP B 176 27.85 2.34 10.30
C ASP B 176 27.38 3.38 9.28
N SER B 177 26.09 3.39 8.94
CA SER B 177 25.56 4.26 7.89
C SER B 177 26.30 4.05 6.57
N THR B 178 26.53 2.79 6.22
CA THR B 178 27.30 2.43 5.04
C THR B 178 26.69 1.22 4.36
N TYR B 179 27.04 1.03 3.09
CA TYR B 179 26.54 -0.07 2.29
C TYR B 179 27.55 -1.21 2.23
N SER B 180 27.16 -2.29 1.56
CA SER B 180 28.01 -3.45 1.34
C SER B 180 27.56 -4.13 0.06
N LEU B 181 28.50 -4.48 -0.81
CA LEU B 181 28.18 -5.11 -2.09
C LEU B 181 28.88 -6.45 -2.22
N SER B 182 28.23 -7.38 -2.91
CA SER B 182 28.78 -8.70 -3.20
C SER B 182 28.63 -8.95 -4.70
N SER B 183 29.76 -9.06 -5.39
CA SER B 183 29.76 -9.39 -6.81
C SER B 183 30.05 -10.88 -6.95
N THR B 184 29.09 -11.62 -7.49
CA THR B 184 29.17 -13.07 -7.63
C THR B 184 29.38 -13.40 -9.10
N LEU B 185 30.59 -13.82 -9.46
CA LEU B 185 30.91 -14.16 -10.84
C LEU B 185 30.68 -15.64 -11.08
N THR B 186 30.13 -15.97 -12.25
CA THR B 186 29.72 -17.32 -12.57
C THR B 186 30.48 -17.83 -13.80
N LEU B 187 31.04 -19.03 -13.68
CA LEU B 187 31.78 -19.65 -14.78
C LEU B 187 31.58 -21.17 -14.69
N SER B 188 32.34 -21.91 -15.49
CA SER B 188 32.22 -23.35 -15.59
C SER B 188 33.53 -24.02 -15.19
N LYS B 189 33.43 -25.31 -14.85
CA LYS B 189 34.61 -26.08 -14.45
C LYS B 189 35.64 -26.15 -15.57
N ALA B 190 35.18 -26.41 -16.80
CA ALA B 190 36.11 -26.56 -17.92
C ALA B 190 36.82 -25.26 -18.24
N ASP B 191 36.06 -24.16 -18.36
CA ASP B 191 36.66 -22.87 -18.70
C ASP B 191 37.56 -22.37 -17.57
N TYR B 192 37.19 -22.65 -16.32
CA TYR B 192 38.02 -22.21 -15.19
C TYR B 192 39.39 -22.87 -15.22
N GLU B 193 39.49 -24.08 -15.77
CA GLU B 193 40.75 -24.80 -15.83
C GLU B 193 41.69 -24.26 -16.91
N LYS B 194 41.16 -23.56 -17.92
CA LYS B 194 41.97 -23.05 -19.01
C LYS B 194 42.72 -21.77 -18.65
N HIS B 195 42.24 -21.02 -17.67
CA HIS B 195 42.85 -19.76 -17.27
C HIS B 195 43.73 -19.94 -16.04
N LYS B 196 44.47 -18.88 -15.70
CA LYS B 196 45.45 -18.96 -14.62
C LYS B 196 45.11 -18.04 -13.45
N VAL B 197 44.96 -16.73 -13.69
CA VAL B 197 44.87 -15.75 -12.62
C VAL B 197 43.53 -15.02 -12.72
N TYR B 198 42.84 -14.89 -11.59
CA TYR B 198 41.54 -14.25 -11.51
C TYR B 198 41.61 -13.07 -10.54
N ALA B 199 40.98 -11.96 -10.92
CA ALA B 199 41.12 -10.72 -10.16
C ALA B 199 39.75 -10.07 -9.98
N CYS B 200 39.77 -8.83 -9.50
CA CYS B 200 38.54 -8.05 -9.31
C CYS B 200 38.91 -6.58 -9.30
N GLU B 201 38.48 -5.83 -10.32
CA GLU B 201 38.85 -4.43 -10.50
C GLU B 201 37.69 -3.54 -10.06
N VAL B 202 37.79 -3.00 -8.85
CA VAL B 202 36.80 -2.09 -8.29
C VAL B 202 37.35 -0.68 -8.32
N THR B 203 36.50 0.27 -8.74
CA THR B 203 36.84 1.68 -8.76
C THR B 203 35.73 2.46 -8.06
N HIS B 204 36.09 3.22 -7.03
CA HIS B 204 35.13 3.92 -6.19
C HIS B 204 35.46 5.41 -6.13
N GLN B 205 34.43 6.22 -5.89
CA GLN B 205 34.63 7.65 -5.69
C GLN B 205 35.56 7.93 -4.50
N GLY B 206 35.50 7.07 -3.47
CA GLY B 206 36.38 7.21 -2.32
C GLY B 206 37.77 6.68 -2.52
N LEU B 207 38.14 6.32 -3.75
CA LEU B 207 39.46 5.77 -4.05
C LEU B 207 40.18 6.70 -5.03
N SER B 208 41.33 7.20 -4.60
CA SER B 208 42.18 8.01 -5.48
C SER B 208 42.87 7.17 -6.55
N SER B 209 42.82 5.85 -6.44
CA SER B 209 43.33 4.94 -7.44
C SER B 209 42.34 3.79 -7.59
N PRO B 210 42.13 3.30 -8.81
CA PRO B 210 41.40 2.04 -8.97
C PRO B 210 42.20 0.91 -8.34
N VAL B 211 41.51 0.06 -7.59
CA VAL B 211 42.14 -0.96 -6.77
C VAL B 211 41.69 -2.34 -7.24
N THR B 212 42.62 -3.29 -7.22
CA THR B 212 42.38 -4.64 -7.72
C THR B 212 42.78 -5.67 -6.67
N LYS B 213 41.91 -6.64 -6.41
CA LYS B 213 42.19 -7.77 -5.54
C LYS B 213 42.26 -9.02 -6.41
N SER B 214 43.47 -9.51 -6.64
CA SER B 214 43.72 -10.63 -7.54
C SER B 214 44.06 -11.89 -6.76
N PHE B 215 44.02 -13.01 -7.46
CA PHE B 215 44.50 -14.28 -6.94
C PHE B 215 44.89 -15.18 -8.11
N ASN B 216 45.88 -16.03 -7.89
CA ASN B 216 46.31 -17.01 -8.87
C ASN B 216 45.88 -18.40 -8.43
N ARG B 217 45.38 -19.18 -9.38
CA ARG B 217 44.84 -20.50 -9.06
C ARG B 217 45.96 -21.46 -8.62
N GLY B 218 45.69 -22.21 -7.57
CA GLY B 218 46.59 -23.26 -7.14
C GLY B 218 47.56 -22.89 -6.06
N GLU B 219 47.17 -22.02 -5.13
CA GLU B 219 48.05 -21.64 -4.03
C GLU B 219 47.37 -21.89 -2.68
N ILE C 2 -20.69 23.68 28.28
CA ILE C 2 -22.05 23.27 27.95
C ILE C 2 -22.02 22.03 27.06
N THR C 3 -23.06 21.19 27.16
CA THR C 3 -23.05 19.92 26.43
C THR C 3 -23.02 20.14 24.92
N ASN C 4 -23.89 21.03 24.42
CA ASN C 4 -23.89 21.48 23.03
C ASN C 4 -23.66 20.33 22.04
N LEU C 5 -24.50 19.30 22.18
CA LEU C 5 -24.44 18.12 21.31
C LEU C 5 -25.72 18.09 20.48
N CYS C 6 -25.59 18.34 19.19
CA CYS C 6 -26.74 18.20 18.30
C CYS C 6 -27.22 16.75 18.31
N PRO C 7 -28.53 16.52 18.36
CA PRO C 7 -29.06 15.19 18.66
C PRO C 7 -29.04 14.28 17.45
N PHE C 8 -28.19 13.25 17.50
CA PHE C 8 -28.24 12.20 16.50
C PHE C 8 -29.56 11.45 16.56
N GLY C 9 -30.12 11.28 17.77
CA GLY C 9 -31.36 10.55 17.91
C GLY C 9 -32.49 11.16 17.10
N GLU C 10 -32.62 12.50 17.16
CA GLU C 10 -33.66 13.17 16.39
C GLU C 10 -33.55 12.85 14.91
N VAL C 11 -32.35 12.55 14.43
CA VAL C 11 -32.20 12.15 13.03
C VAL C 11 -32.29 10.63 12.87
N PHE C 12 -31.87 9.87 13.87
CA PHE C 12 -31.82 8.41 13.77
C PHE C 12 -32.80 7.72 14.71
N ASN C 13 -32.69 7.99 16.02
CA ASN C 13 -33.48 7.27 17.00
C ASN C 13 -34.97 7.67 16.95
N ALA C 14 -35.29 8.81 16.36
CA ALA C 14 -36.67 9.24 16.26
C ALA C 14 -37.42 8.40 15.22
N THR C 15 -38.75 8.38 15.35
CA THR C 15 -39.57 7.38 14.64
C THR C 15 -40.02 7.86 13.26
N ARG C 16 -40.78 8.94 13.19
CA ARG C 16 -41.41 9.34 11.93
C ARG C 16 -40.36 9.76 10.91
N PHE C 17 -40.34 9.09 9.77
CA PHE C 17 -39.46 9.41 8.66
C PHE C 17 -40.29 9.79 7.44
N ALA C 18 -39.77 10.72 6.64
CA ALA C 18 -40.44 11.17 5.43
C ALA C 18 -40.09 10.27 4.25
N SER C 19 -40.93 10.35 3.22
CA SER C 19 -40.67 9.63 1.99
C SER C 19 -39.51 10.27 1.24
N VAL C 20 -38.96 9.53 0.28
CA VAL C 20 -37.72 9.95 -0.37
C VAL C 20 -37.95 11.19 -1.24
N TYR C 21 -39.10 11.27 -1.91
CA TYR C 21 -39.37 12.45 -2.74
C TYR C 21 -39.50 13.71 -1.91
N ALA C 22 -39.74 13.57 -0.61
CA ALA C 22 -39.85 14.68 0.32
C ALA C 22 -38.89 14.50 1.48
N TRP C 23 -37.62 14.22 1.16
CA TRP C 23 -36.60 13.98 2.17
C TRP C 23 -36.54 15.11 3.20
N ASN C 24 -36.62 14.75 4.47
CA ASN C 24 -36.62 15.75 5.52
C ASN C 24 -35.22 16.30 5.71
N ARG C 25 -35.11 17.63 5.82
CA ARG C 25 -33.84 18.29 6.07
C ARG C 25 -33.89 19.08 7.37
N LYS C 26 -32.90 18.87 8.23
CA LYS C 26 -32.74 19.64 9.44
C LYS C 26 -31.35 20.30 9.42
N ARG C 27 -31.33 21.60 9.71
CA ARG C 27 -30.08 22.35 9.71
C ARG C 27 -29.38 22.19 11.06
N ILE C 28 -28.06 22.16 11.02
CA ILE C 28 -27.23 21.82 12.17
C ILE C 28 -26.17 22.90 12.33
N SER C 29 -26.21 23.58 13.48
CA SER C 29 -25.26 24.65 13.77
C SER C 29 -25.18 24.83 15.28
N ASN C 30 -24.06 25.40 15.73
CA ASN C 30 -23.84 25.79 17.13
C ASN C 30 -23.96 24.59 18.07
N CYS C 31 -23.11 23.61 17.85
CA CYS C 31 -23.00 22.48 18.76
C CYS C 31 -21.66 21.79 18.54
N VAL C 32 -21.52 20.59 19.10
CA VAL C 32 -20.40 19.70 18.85
C VAL C 32 -20.97 18.36 18.37
N ALA C 33 -20.38 17.82 17.32
CA ALA C 33 -20.83 16.57 16.73
C ALA C 33 -19.94 15.43 17.22
N ASP C 34 -20.55 14.41 17.81
CA ASP C 34 -19.81 13.25 18.32
C ASP C 34 -19.97 12.12 17.31
N TYR C 35 -19.07 12.09 16.32
CA TYR C 35 -19.10 11.05 15.30
C TYR C 35 -18.77 9.69 15.88
N SER C 36 -18.01 9.63 16.97
CA SER C 36 -17.63 8.34 17.56
C SER C 36 -18.85 7.55 17.99
N VAL C 37 -19.93 8.23 18.39
CA VAL C 37 -21.16 7.55 18.77
C VAL C 37 -21.76 6.80 17.58
N LEU C 38 -21.52 7.27 16.37
CA LEU C 38 -22.14 6.63 15.20
C LEU C 38 -21.27 5.54 14.58
N TYR C 39 -19.97 5.78 14.38
CA TYR C 39 -19.18 4.77 13.68
C TYR C 39 -18.68 3.66 14.63
N ASN C 40 -19.32 3.49 15.78
CA ASN C 40 -19.10 2.33 16.64
C ASN C 40 -20.30 1.41 16.73
N SER C 41 -21.50 1.88 16.38
CA SER C 41 -22.67 1.03 16.39
C SER C 41 -22.63 0.04 15.23
N ALA C 42 -23.02 -1.20 15.51
CA ALA C 42 -23.03 -2.26 14.51
C ALA C 42 -24.39 -2.42 13.83
N SER C 43 -25.36 -1.56 14.14
CA SER C 43 -26.69 -1.72 13.56
C SER C 43 -26.75 -1.28 12.11
N PHE C 44 -25.95 -0.28 11.72
CA PHE C 44 -25.95 0.18 10.34
C PHE C 44 -25.40 -0.89 9.40
N SER C 45 -26.07 -1.05 8.27
CA SER C 45 -25.65 -2.02 7.26
C SER C 45 -24.94 -1.37 6.07
N THR C 46 -25.23 -0.11 5.77
CA THR C 46 -24.46 0.66 4.81
C THR C 46 -24.00 1.94 5.46
N PHE C 47 -22.70 2.23 5.36
CA PHE C 47 -22.19 3.49 5.88
C PHE C 47 -21.01 3.89 5.00
N LYS C 48 -21.25 4.88 4.13
CA LYS C 48 -20.28 5.33 3.15
C LYS C 48 -19.96 6.80 3.42
N CYS C 49 -18.80 7.23 2.92
CA CYS C 49 -18.41 8.63 3.08
C CYS C 49 -17.72 9.12 1.82
N TYR C 50 -17.72 10.43 1.64
CA TYR C 50 -17.17 11.06 0.44
C TYR C 50 -16.59 12.41 0.89
N GLY C 51 -15.27 12.44 1.07
CA GLY C 51 -14.55 13.63 1.46
C GLY C 51 -13.99 13.64 2.87
N VAL C 52 -14.38 12.72 3.74
CA VAL C 52 -14.04 12.81 5.15
C VAL C 52 -13.01 11.75 5.51
N SER C 53 -12.25 12.03 6.52
CA SER C 53 -11.31 11.06 7.07
C SER C 53 -11.94 10.26 8.19
N PRO C 54 -11.55 8.99 8.37
CA PRO C 54 -12.16 8.18 9.43
C PRO C 54 -11.62 8.54 10.81
N THR C 55 -10.29 8.69 10.89
CA THR C 55 -9.63 8.91 12.16
C THR C 55 -9.75 10.37 12.60
N LYS C 56 -9.56 11.31 11.69
CA LYS C 56 -9.75 12.72 11.99
C LYS C 56 -11.20 13.14 11.85
N LEU C 57 -12.12 12.17 11.80
CA LEU C 57 -13.55 12.50 11.66
C LEU C 57 -14.02 13.40 12.80
N ASN C 58 -13.56 13.11 14.02
CA ASN C 58 -13.98 13.84 15.21
C ASN C 58 -13.28 15.19 15.39
N ASP C 59 -12.28 15.52 14.57
CA ASP C 59 -11.46 16.70 14.81
C ASP C 59 -11.59 17.72 13.68
N LEU C 60 -12.81 17.95 13.20
CA LEU C 60 -13.04 18.86 12.09
C LEU C 60 -14.04 19.94 12.48
N CYS C 61 -13.95 21.07 11.78
CA CYS C 61 -14.83 22.22 12.02
C CYS C 61 -15.44 22.68 10.71
N PHE C 62 -16.76 22.89 10.71
CA PHE C 62 -17.50 23.26 9.51
C PHE C 62 -18.36 24.49 9.75
N THR C 63 -18.71 25.16 8.66
CA THR C 63 -19.61 26.30 8.74
C THR C 63 -21.01 25.87 9.16
N ASN C 64 -21.56 24.85 8.50
CA ASN C 64 -22.90 24.37 8.81
C ASN C 64 -23.00 22.91 8.40
N VAL C 65 -24.02 22.22 8.92
CA VAL C 65 -24.28 20.85 8.51
C VAL C 65 -25.76 20.72 8.16
N TYR C 66 -26.07 19.79 7.26
CA TYR C 66 -27.45 19.49 6.89
C TYR C 66 -27.68 17.99 7.00
N ALA C 67 -28.73 17.62 7.74
CA ALA C 67 -29.09 16.22 7.94
C ALA C 67 -30.38 15.94 7.18
N ASP C 68 -30.28 15.15 6.11
CA ASP C 68 -31.44 14.67 5.37
C ASP C 68 -31.76 13.26 5.84
N SER C 69 -33.05 12.97 5.93
CA SER C 69 -33.52 11.64 6.33
C SER C 69 -34.69 11.24 5.45
N PHE C 70 -34.71 9.96 5.08
CA PHE C 70 -35.79 9.40 4.27
C PHE C 70 -35.77 7.89 4.41
N VAL C 71 -36.69 7.23 3.70
CA VAL C 71 -36.81 5.78 3.72
C VAL C 71 -36.92 5.27 2.29
N ILE C 72 -36.03 4.34 1.93
CA ILE C 72 -36.05 3.68 0.63
C ILE C 72 -35.73 2.20 0.83
N ARG C 73 -35.99 1.40 -0.19
CA ARG C 73 -35.73 -0.02 -0.07
C ARG C 73 -34.24 -0.32 -0.23
N GLY C 74 -33.88 -1.57 0.06
CA GLY C 74 -32.47 -1.92 0.17
C GLY C 74 -31.70 -1.85 -1.13
N ASP C 75 -32.32 -2.27 -2.24
CA ASP C 75 -31.60 -2.32 -3.51
C ASP C 75 -31.49 -0.97 -4.20
N GLU C 76 -32.04 0.09 -3.60
CA GLU C 76 -31.80 1.45 -4.07
C GLU C 76 -30.73 2.16 -3.24
N VAL C 77 -30.07 1.44 -2.32
CA VAL C 77 -28.98 2.04 -1.55
C VAL C 77 -27.81 2.39 -2.46
N ARG C 78 -27.48 1.51 -3.41
CA ARG C 78 -26.40 1.80 -4.35
C ARG C 78 -26.68 3.06 -5.15
N GLN C 79 -27.96 3.37 -5.37
CA GLN C 79 -28.34 4.43 -6.30
C GLN C 79 -28.01 5.83 -5.76
N ILE C 80 -27.90 6.00 -4.45
CA ILE C 80 -27.35 7.23 -3.90
C ILE C 80 -25.82 7.15 -3.93
N ALA C 81 -25.20 8.15 -4.52
CA ALA C 81 -23.76 8.23 -4.73
C ALA C 81 -23.44 9.60 -5.33
N PRO C 82 -22.21 10.10 -5.21
CA PRO C 82 -21.90 11.40 -5.84
C PRO C 82 -22.21 11.43 -7.33
N GLY C 83 -21.97 10.32 -8.02
CA GLY C 83 -22.39 10.17 -9.40
C GLY C 83 -23.12 8.86 -9.61
N GLN C 84 -24.41 8.95 -9.95
CA GLN C 84 -25.21 7.74 -10.13
C GLN C 84 -26.53 8.14 -10.79
N THR C 85 -27.20 7.16 -11.39
CA THR C 85 -28.44 7.38 -12.11
C THR C 85 -29.49 6.35 -11.70
N GLY C 86 -30.71 6.52 -12.22
CA GLY C 86 -31.80 5.60 -12.01
C GLY C 86 -33.08 6.33 -11.67
N LYS C 87 -34.03 5.58 -11.10
CA LYS C 87 -35.29 6.15 -10.62
C LYS C 87 -35.06 7.19 -9.54
N ILE C 88 -34.55 6.74 -8.39
CA ILE C 88 -34.43 7.61 -7.22
C ILE C 88 -33.40 8.70 -7.47
N ALA C 89 -32.27 8.35 -8.10
CA ALA C 89 -31.19 9.31 -8.29
C ALA C 89 -31.62 10.48 -9.16
N ASP C 90 -32.30 10.20 -10.27
CA ASP C 90 -32.65 11.25 -11.22
C ASP C 90 -34.00 11.89 -10.95
N TYR C 91 -34.89 11.24 -10.20
CA TYR C 91 -36.22 11.76 -9.99
C TYR C 91 -36.57 12.07 -8.54
N ASN C 92 -35.75 11.67 -7.58
CA ASN C 92 -36.10 11.92 -6.18
C ASN C 92 -35.00 12.58 -5.38
N TYR C 93 -33.73 12.24 -5.62
CA TYR C 93 -32.63 12.73 -4.80
C TYR C 93 -31.33 12.59 -5.59
N LYS C 94 -30.72 13.72 -5.92
CA LYS C 94 -29.49 13.75 -6.72
C LYS C 94 -28.35 14.24 -5.84
N LEU C 95 -27.43 13.34 -5.51
CA LEU C 95 -26.22 13.75 -4.80
C LEU C 95 -25.26 14.42 -5.79
N PRO C 96 -24.74 15.60 -5.47
CA PRO C 96 -23.83 16.29 -6.40
C PRO C 96 -22.50 15.56 -6.56
N ASP C 97 -21.87 15.78 -7.72
CA ASP C 97 -20.60 15.13 -8.02
C ASP C 97 -19.50 15.54 -7.05
N ASP C 98 -19.58 16.76 -6.52
CA ASP C 98 -18.61 17.29 -5.57
C ASP C 98 -19.02 17.04 -4.12
N PHE C 99 -19.68 15.91 -3.87
CA PHE C 99 -20.37 15.70 -2.61
C PHE C 99 -19.40 15.74 -1.43
N THR C 100 -19.77 16.48 -0.40
CA THR C 100 -18.99 16.63 0.83
C THR C 100 -19.84 16.09 1.97
N GLY C 101 -19.52 14.90 2.44
CA GLY C 101 -20.31 14.40 3.56
C GLY C 101 -20.30 12.89 3.62
N CYS C 102 -21.40 12.35 4.14
CA CYS C 102 -21.51 10.90 4.33
C CYS C 102 -22.94 10.44 4.11
N VAL C 103 -23.10 9.13 4.03
CA VAL C 103 -24.41 8.47 3.92
C VAL C 103 -24.46 7.31 4.90
N ILE C 104 -25.48 7.28 5.73
CA ILE C 104 -25.76 6.16 6.62
C ILE C 104 -27.08 5.53 6.22
N ALA C 105 -27.20 4.22 6.43
CA ALA C 105 -28.42 3.53 6.04
C ALA C 105 -28.49 2.20 6.77
N TRP C 106 -29.67 1.87 7.29
CA TRP C 106 -29.84 0.62 8.01
C TRP C 106 -31.24 0.08 7.82
N ASN C 107 -31.40 -1.20 8.14
CA ASN C 107 -32.64 -1.93 7.85
C ASN C 107 -33.76 -1.50 8.79
N SER C 108 -34.95 -1.28 8.21
CA SER C 108 -36.12 -0.89 8.98
C SER C 108 -37.31 -1.78 8.66
N ASN C 109 -37.05 -3.05 8.31
CA ASN C 109 -38.12 -3.98 8.00
C ASN C 109 -39.02 -4.20 9.20
N ASN C 110 -38.43 -4.28 10.40
CA ASN C 110 -39.21 -4.51 11.61
C ASN C 110 -40.11 -3.33 11.97
N LEU C 111 -39.82 -2.14 11.45
CA LEU C 111 -40.55 -0.93 11.82
C LEU C 111 -41.52 -0.46 10.74
N ASP C 112 -41.06 -0.37 9.50
CA ASP C 112 -41.82 0.27 8.43
C ASP C 112 -42.56 -0.72 7.55
N SER C 113 -42.58 -1.99 7.91
CA SER C 113 -43.35 -3.00 7.21
C SER C 113 -44.54 -3.43 8.04
N LYS C 114 -45.70 -3.55 7.39
CA LYS C 114 -46.93 -3.98 8.03
C LYS C 114 -47.35 -5.33 7.45
N VAL C 115 -48.21 -6.03 8.19
CA VAL C 115 -48.80 -7.26 7.68
C VAL C 115 -49.57 -6.94 6.41
N GLY C 116 -49.23 -7.62 5.33
CA GLY C 116 -49.82 -7.32 4.04
C GLY C 116 -49.26 -6.12 3.34
N GLY C 117 -48.21 -5.50 3.88
CA GLY C 117 -47.56 -4.38 3.21
C GLY C 117 -47.96 -3.02 3.75
N ASN C 118 -46.96 -2.15 3.90
CA ASN C 118 -47.17 -0.75 4.26
C ASN C 118 -46.80 0.12 3.07
N TYR C 119 -47.73 0.99 2.68
CA TYR C 119 -47.58 1.79 1.46
C TYR C 119 -47.50 3.29 1.76
N ASN C 120 -47.25 3.66 3.03
CA ASN C 120 -47.20 5.07 3.38
C ASN C 120 -45.99 5.77 2.79
N TYR C 121 -44.89 5.05 2.57
CA TYR C 121 -43.72 5.65 1.94
C TYR C 121 -43.90 5.68 0.44
N LEU C 122 -43.51 6.82 -0.16
CA LEU C 122 -43.73 7.07 -1.57
C LEU C 122 -42.45 7.58 -2.22
N TYR C 123 -42.43 7.48 -3.55
CA TYR C 123 -41.31 7.96 -4.35
C TYR C 123 -41.81 8.41 -5.70
N ARG C 124 -41.26 9.51 -6.20
CA ARG C 124 -41.62 10.00 -7.52
C ARG C 124 -41.10 9.07 -8.60
N LEU C 125 -41.96 8.76 -9.58
CA LEU C 125 -41.61 7.84 -10.65
C LEU C 125 -41.44 8.52 -11.99
N PHE C 126 -41.91 9.76 -12.16
CA PHE C 126 -41.84 10.43 -13.45
C PHE C 126 -41.58 11.91 -13.25
N ARG C 127 -40.82 12.47 -14.19
CA ARG C 127 -40.49 13.89 -14.26
C ARG C 127 -39.85 14.15 -15.61
N LYS C 128 -40.07 15.35 -16.14
CA LYS C 128 -39.62 15.64 -17.50
C LYS C 128 -38.11 15.91 -17.58
N SER C 129 -37.55 16.57 -16.57
CA SER C 129 -36.12 16.81 -16.52
C SER C 129 -35.55 16.21 -15.25
N ASN C 130 -34.32 15.70 -15.33
CA ASN C 130 -33.69 15.07 -14.17
C ASN C 130 -33.48 16.08 -13.05
N LEU C 131 -33.58 15.60 -11.82
CA LEU C 131 -33.50 16.48 -10.66
C LEU C 131 -32.10 17.04 -10.49
N LYS C 132 -32.03 18.29 -10.05
CA LYS C 132 -30.77 18.94 -9.74
C LYS C 132 -30.31 18.54 -8.34
N PRO C 133 -29.01 18.70 -8.04
CA PRO C 133 -28.52 18.35 -6.71
C PRO C 133 -29.25 19.11 -5.61
N PHE C 134 -29.71 18.37 -4.60
CA PHE C 134 -30.46 18.92 -3.47
C PHE C 134 -31.71 19.65 -3.93
N GLU C 135 -32.37 19.12 -4.95
CA GLU C 135 -33.64 19.64 -5.43
C GLU C 135 -34.75 18.67 -4.99
N ARG C 136 -35.70 19.20 -4.24
CA ARG C 136 -36.83 18.42 -3.72
CA ARG C 136 -36.83 18.44 -3.71
C ARG C 136 -38.09 18.91 -4.44
N ASP C 137 -38.58 18.09 -5.37
CA ASP C 137 -39.76 18.43 -6.15
C ASP C 137 -40.96 17.72 -5.55
N ILE C 138 -41.98 18.49 -5.17
CA ILE C 138 -43.19 17.92 -4.57
C ILE C 138 -44.40 18.34 -5.38
N SER C 139 -44.20 18.54 -6.68
CA SER C 139 -45.31 18.87 -7.58
C SER C 139 -46.14 17.63 -7.86
N THR C 140 -47.46 17.76 -7.72
CA THR C 140 -48.39 16.70 -8.06
C THR C 140 -48.84 16.76 -9.52
N GLU C 141 -48.12 17.49 -10.36
CA GLU C 141 -48.46 17.59 -11.78
C GLU C 141 -48.32 16.24 -12.46
N ILE C 142 -49.22 15.95 -13.38
CA ILE C 142 -49.36 14.63 -13.98
C ILE C 142 -48.44 14.55 -15.20
N TYR C 143 -47.70 13.45 -15.30
CA TYR C 143 -46.64 13.32 -16.29
C TYR C 143 -47.19 12.86 -17.64
N GLN C 144 -46.81 13.57 -18.71
CA GLN C 144 -47.20 13.23 -20.08
C GLN C 144 -46.23 12.21 -20.65
N ALA C 145 -46.75 11.07 -21.10
CA ALA C 145 -45.91 10.04 -21.70
C ALA C 145 -46.00 10.00 -23.22
N GLY C 146 -47.19 10.26 -23.78
CA GLY C 146 -47.39 10.22 -25.21
C GLY C 146 -47.33 11.59 -25.85
N SER C 147 -47.51 11.58 -27.18
CA SER C 147 -47.52 12.81 -27.95
C SER C 147 -48.84 13.56 -27.85
N THR C 148 -49.92 12.88 -27.46
CA THR C 148 -51.19 13.55 -27.26
C THR C 148 -51.09 14.49 -26.05
N PRO C 149 -51.52 15.74 -26.18
CA PRO C 149 -51.38 16.68 -25.05
C PRO C 149 -52.14 16.20 -23.83
N CYS C 150 -51.42 15.88 -22.76
CA CYS C 150 -52.08 15.57 -21.50
C CYS C 150 -52.71 16.84 -20.93
N ASN C 151 -53.73 16.64 -20.09
CA ASN C 151 -54.49 17.75 -19.54
C ASN C 151 -55.36 17.19 -18.42
N GLY C 152 -56.15 18.08 -17.81
CA GLY C 152 -57.07 17.63 -16.78
C GLY C 152 -56.37 17.22 -15.51
N VAL C 153 -57.01 16.33 -14.77
CA VAL C 153 -56.59 15.96 -13.42
C VAL C 153 -56.18 14.50 -13.32
N GLU C 154 -56.32 13.73 -14.41
CA GLU C 154 -55.71 12.42 -14.62
C GLU C 154 -55.95 12.05 -16.07
N GLY C 155 -54.96 11.42 -16.71
CA GLY C 155 -55.01 11.21 -18.14
C GLY C 155 -54.69 9.79 -18.56
N PHE C 156 -55.18 9.44 -19.75
CA PHE C 156 -54.81 8.19 -20.39
C PHE C 156 -53.34 8.28 -20.82
N ASN C 157 -52.57 7.23 -20.51
CA ASN C 157 -51.12 7.21 -20.70
C ASN C 157 -50.45 8.41 -20.03
N CYS C 158 -51.16 9.08 -19.13
CA CYS C 158 -50.67 10.26 -18.42
C CYS C 158 -50.88 9.97 -16.94
N TYR C 159 -49.84 9.43 -16.30
CA TYR C 159 -49.95 8.79 -15.01
C TYR C 159 -49.56 9.72 -13.87
N PHE C 160 -50.07 9.41 -12.68
CA PHE C 160 -49.73 10.17 -11.49
C PHE C 160 -48.24 10.03 -11.21
N PRO C 161 -47.56 11.10 -10.79
CA PRO C 161 -46.09 11.08 -10.73
C PRO C 161 -45.48 10.37 -9.52
N LEU C 162 -46.27 9.80 -8.61
CA LEU C 162 -45.72 9.14 -7.43
C LEU C 162 -46.17 7.69 -7.37
N GLN C 163 -45.46 6.92 -6.53
CA GLN C 163 -45.69 5.49 -6.39
C GLN C 163 -45.34 5.08 -4.95
N SER C 164 -46.14 4.18 -4.39
CA SER C 164 -45.85 3.68 -3.06
C SER C 164 -44.88 2.50 -3.12
N TYR C 165 -44.21 2.25 -2.00
CA TYR C 165 -43.39 1.06 -1.86
C TYR C 165 -44.24 -0.08 -1.33
N GLY C 166 -44.07 -1.26 -1.93
CA GLY C 166 -44.73 -2.43 -1.38
C GLY C 166 -43.85 -3.02 -0.30
N PHE C 167 -44.10 -2.63 0.95
CA PHE C 167 -43.21 -2.96 2.07
C PHE C 167 -43.83 -4.11 2.86
N GLN C 168 -43.63 -5.31 2.36
CA GLN C 168 -44.03 -6.43 3.19
C GLN C 168 -42.82 -7.06 3.86
N PRO C 169 -42.99 -7.62 5.06
CA PRO C 169 -41.88 -8.37 5.67
C PRO C 169 -41.47 -9.59 4.86
N THR C 170 -42.35 -10.11 4.00
CA THR C 170 -42.06 -11.29 3.22
C THR C 170 -41.33 -11.00 1.91
N ASN C 171 -41.33 -9.75 1.45
CA ASN C 171 -40.65 -9.41 0.20
C ASN C 171 -39.15 -9.66 0.33
N GLY C 172 -38.47 -9.59 -0.80
CA GLY C 172 -37.03 -9.75 -0.80
C GLY C 172 -36.34 -8.66 0.01
N VAL C 173 -35.13 -8.97 0.46
CA VAL C 173 -34.38 -8.02 1.28
C VAL C 173 -34.08 -6.75 0.49
N GLY C 174 -33.93 -6.87 -0.82
CA GLY C 174 -33.80 -5.68 -1.65
C GLY C 174 -35.01 -4.76 -1.57
N TYR C 175 -36.17 -5.32 -1.21
CA TYR C 175 -37.38 -4.54 -1.00
C TYR C 175 -37.67 -4.19 0.45
N GLN C 176 -37.07 -4.90 1.41
CA GLN C 176 -37.31 -4.57 2.80
C GLN C 176 -36.86 -3.15 3.09
N PRO C 177 -37.66 -2.35 3.78
CA PRO C 177 -37.36 -0.90 3.88
C PRO C 177 -36.10 -0.63 4.67
N TYR C 178 -35.49 0.52 4.38
CA TYR C 178 -34.25 0.97 4.96
C TYR C 178 -34.35 2.46 5.24
N ARG C 179 -33.96 2.84 6.45
CA ARG C 179 -33.90 4.23 6.84
C ARG C 179 -32.53 4.77 6.46
N VAL C 180 -32.52 5.88 5.72
CA VAL C 180 -31.33 6.44 5.11
C VAL C 180 -31.17 7.89 5.56
N VAL C 181 -29.93 8.27 5.86
CA VAL C 181 -29.58 9.60 6.32
C VAL C 181 -28.40 10.10 5.47
N VAL C 182 -28.51 11.33 4.98
CA VAL C 182 -27.46 11.99 4.22
C VAL C 182 -26.93 13.15 5.05
N LEU C 183 -25.61 13.29 5.11
CA LEU C 183 -24.95 14.32 5.89
C LEU C 183 -24.15 15.20 4.94
N SER C 184 -24.61 16.43 4.75
CA SER C 184 -23.94 17.41 3.91
C SER C 184 -23.21 18.43 4.80
N PHE C 185 -21.99 18.78 4.41
CA PHE C 185 -21.12 19.62 5.23
C PHE C 185 -20.85 20.93 4.49
N GLU C 186 -21.62 21.97 4.83
CA GLU C 186 -21.40 23.30 4.27
C GLU C 186 -20.14 23.89 4.87
N LEU C 187 -19.14 24.11 4.03
CA LEU C 187 -17.85 24.67 4.46
C LEU C 187 -17.62 25.96 3.68
N LEU C 188 -17.84 27.09 4.34
CA LEU C 188 -17.73 28.41 3.74
C LEU C 188 -16.66 29.22 4.48
N HIS C 189 -16.25 30.31 3.85
CA HIS C 189 -15.39 31.29 4.53
C HIS C 189 -16.29 32.16 5.42
N ALA C 190 -16.81 31.51 6.46
CA ALA C 190 -17.82 32.09 7.32
C ALA C 190 -17.62 31.52 8.71
N PRO C 191 -18.29 32.10 9.74
CA PRO C 191 -18.18 31.52 11.09
C PRO C 191 -18.45 30.03 11.15
N ALA C 192 -17.43 29.24 11.51
CA ALA C 192 -17.54 27.79 11.61
C ALA C 192 -18.20 27.44 12.94
N THR C 193 -19.46 27.00 12.88
CA THR C 193 -20.27 26.80 14.08
C THR C 193 -20.30 25.37 14.57
N VAL C 194 -19.92 24.40 13.74
CA VAL C 194 -19.96 22.99 14.12
C VAL C 194 -18.53 22.47 14.18
N CYS C 195 -18.20 21.78 15.27
CA CYS C 195 -16.89 21.18 15.44
C CYS C 195 -17.06 19.84 16.16
N GLY C 196 -15.98 19.06 16.18
CA GLY C 196 -15.97 17.79 16.86
C GLY C 196 -15.26 17.86 18.19
N PRO C 197 -15.31 16.78 18.97
CA PRO C 197 -14.76 16.82 20.33
C PRO C 197 -13.25 17.06 20.39
N GLY C 198 -12.52 16.76 19.32
CA GLY C 198 -11.07 16.85 19.38
C GLY C 198 -10.44 17.88 18.47
N SER C 199 -11.24 18.83 17.99
CA SER C 199 -10.72 19.88 17.12
C SER C 199 -9.91 20.89 17.94
N HIS C 200 -9.34 21.87 17.23
CA HIS C 200 -8.50 22.86 17.89
C HIS C 200 -9.31 23.82 18.77
N HIS C 201 -10.60 23.96 18.52
CA HIS C 201 -11.47 24.72 19.42
C HIS C 201 -11.82 23.95 20.69
N HIS C 202 -11.46 22.67 20.76
CA HIS C 202 -11.77 21.84 21.92
C HIS C 202 -10.51 21.18 22.47
C1 NAG D . -30.13 5.79 20.43
C2 NAG D . -30.21 4.29 20.16
C3 NAG D . -29.05 3.56 20.83
C4 NAG D . -27.74 4.18 20.40
C5 NAG D . -27.74 5.68 20.67
C6 NAG D . -26.50 6.38 20.16
C7 NAG D . -32.51 3.54 19.73
C8 NAG D . -33.76 2.98 20.33
N2 NAG D . -31.48 3.74 20.58
O3 NAG D . -29.08 2.18 20.49
O4 NAG D . -26.60 3.54 20.99
O5 NAG D . -28.85 6.29 20.00
O6 NAG D . -25.51 5.44 19.76
O7 NAG D . -32.42 3.82 18.54
C1 NAG D . -26.43 3.49 22.43
C2 NAG D . -25.71 2.20 22.82
C3 NAG D . -25.53 2.11 24.33
C4 NAG D . -24.98 3.41 24.89
C5 NAG D . -25.75 4.62 24.35
C6 NAG D . -25.18 5.93 24.86
C7 NAG D . -26.35 0.61 21.10
C8 NAG D . -27.22 -0.56 20.76
N2 NAG D . -26.48 1.06 22.34
O3 NAG D . -24.62 1.05 24.63
O4 NAG D . -25.08 3.40 26.32
O5 NAG D . -25.70 4.59 22.93
O6 NAG D . -25.75 7.01 24.11
O7 NAG D . -25.59 1.12 20.29
#